data_5EDS
#
_entry.id   5EDS
#
_cell.length_a   144.301
_cell.length_b   68.234
_cell.length_c   106.620
_cell.angle_alpha   90.000
_cell.angle_beta   95.120
_cell.angle_gamma   90.000
#
_symmetry.space_group_name_H-M   'C 1 2 1'
#
loop_
_entity.id
_entity.type
_entity.pdbx_description
1 polymer 'Phosphatidylinositol 4,5-bisphosphate 3-kinase catalytic subunit gamma isoform'
2 non-polymer 'SULFATE ION'
3 non-polymer 4-azanyl-6-[[(1~{S})-1-[6-fluoranyl-1-(3-methylsulfonylphenyl)benzimidazol-2-yl]ethyl]amino]pyrimidine-5-carbonitrile
4 water water
#
_entity_poly.entity_id   1
_entity_poly.type   'polypeptide(L)'
_entity_poly.pdbx_seq_one_letter_code
;SEESQAFQRQLTALIGYDVTDVSNVHDDELEFTRRGLVTPRMAEVASRDPKLYAMHPWVTSKPLPEYLWKKIANNCIFIV
IHRSTTSQTIKVSPDDTPGAILQSFFTKMAKKKSLMDIPESQSEQDFVLRVCGRDEYLVGETPIKNFQWVRHCLKNGEEI
HVVLDTPPDPALDEVRKEEWPLVDDCTGVTGYHEQLTIHGKDHESVFTVSLWDCDRKFRVKIRGIDIPVLPRNTDLTVFV
EANIQHGQQVLCQRRTSPKPFTEEVLWNVWLEFSIKIKDLPKGALLNLQIYCGKAPALSSKASAESPSSESKGKVQLLYY
VNLLLIDHRFLLRRGEYVLHMWQISGKGEDQGSFNADKLTSATNPDKENSMSISILLDNYCHPIALPKHQPTPDPEGDRV
RAEMPNQLRKQLEAIIATDPLNPLTAEDKELLWHFRYESLKHPKAYPKLFSSVKWGQQEIVAKTYQLLARREVWDQSALD
VGLTMQLLDCNFSDENVRAIAVQKLESLEDDDVLHYLLQLVQAVKFEPYHDSALARFLLKRGLRNKRIGHFLFWFLRSEI
AQSRHYQQRFAVILEAYLRGCGTAMLHDFTQQVQVIEMLQKVTLDIKSLSAEKYDVSSQVISQLKQKLENLQNSQLPESF
RVPYDPGLKAGALAIEKCKVMASKKKPLWLEFKCADPTALSNETIGIIFKHGDDLRQDMLILQILRIMESIWETESLDLC
LLPYGCISTGDKIGMIEIVKDATTIAKIQQSTVGNTGAFKDEVLNHWLKEKSPTEEKFQAAVERFVYSCAGYCVATFVLG
IGDRHNDNIMITETGNLFHIDFGHILGNYKSFLGINKERVPFVLTPDFLFVMGTSGKKTSPHFQKFQDICVKAYLALRHH
TNLLIILFSMMLMTGMPQLTSKEDIEYIRDALTVGKNEEDAKKYFLDQIEVCRDKGWTVQFNWFLHLVLGIKQGEKHSA
;
_entity_poly.pdbx_strand_id   A
#
loop_
_chem_comp.id
_chem_comp.type
_chem_comp.name
_chem_comp.formula
5MT non-polymer 4-azanyl-6-[[(1~{S})-1-[6-fluoranyl-1-(3-methylsulfonylphenyl)benzimidazol-2-yl]ethyl]amino]pyrimidine-5-carbonitrile 'C21 H18 F N7 O2 S'
SO4 non-polymer 'SULFATE ION' 'O4 S -2'
#
# COMPACT_ATOMS: atom_id res chain seq x y z
N SER A 4 -7.32 -17.04 -31.28
CA SER A 4 -8.16 -17.47 -30.12
C SER A 4 -7.33 -17.48 -28.83
N GLN A 5 -6.28 -18.30 -28.83
CA GLN A 5 -5.46 -18.51 -27.64
C GLN A 5 -4.27 -17.54 -27.59
N ALA A 6 -4.05 -16.77 -28.67
CA ALA A 6 -3.01 -15.74 -28.69
C ALA A 6 -3.36 -14.53 -27.81
N PHE A 7 -4.66 -14.36 -27.52
CA PHE A 7 -5.12 -13.31 -26.61
C PHE A 7 -4.77 -13.67 -25.16
N GLN A 8 -4.88 -14.95 -24.83
CA GLN A 8 -4.46 -15.46 -23.52
C GLN A 8 -2.95 -15.28 -23.34
N ARG A 9 -2.20 -15.47 -24.43
CA ARG A 9 -0.75 -15.22 -24.42
C ARG A 9 -0.43 -13.72 -24.32
N GLN A 10 -1.35 -12.89 -24.78
CA GLN A 10 -1.23 -11.45 -24.57
C GLN A 10 -1.43 -11.13 -23.07
N LEU A 11 -2.49 -11.68 -22.49
CA LEU A 11 -2.75 -11.50 -21.08
C LEU A 11 -1.57 -11.97 -20.21
N THR A 12 -0.90 -13.04 -20.62
CA THR A 12 0.24 -13.54 -19.85
C THR A 12 1.40 -12.56 -19.77
N ALA A 13 1.88 -12.05 -20.89
CA ALA A 13 3.03 -11.14 -20.86
C ALA A 13 2.66 -9.83 -20.17
N LEU A 14 1.39 -9.45 -20.26
CA LEU A 14 0.86 -8.33 -19.48
C LEU A 14 0.90 -8.61 -17.98
N ILE A 15 0.51 -9.83 -17.58
CA ILE A 15 0.39 -10.20 -16.17
C ILE A 15 1.76 -10.53 -15.58
N GLY A 16 2.64 -11.09 -16.40
CA GLY A 16 3.95 -11.57 -15.96
C GLY A 16 3.89 -12.91 -15.25
N TYR A 17 2.82 -13.67 -15.49
CA TYR A 17 2.68 -15.02 -14.96
C TYR A 17 1.60 -15.80 -15.73
N ASP A 18 1.86 -17.08 -15.96
CA ASP A 18 0.97 -17.97 -16.71
C ASP A 18 -0.13 -18.53 -15.80
N VAL A 19 -1.30 -17.88 -15.83
CA VAL A 19 -2.47 -18.24 -15.03
C VAL A 19 -2.99 -19.65 -15.34
N THR A 20 -2.88 -20.07 -16.59
CA THR A 20 -3.39 -21.37 -17.04
C THR A 20 -2.55 -22.55 -16.55
N ASP A 21 -1.30 -22.26 -16.16
CA ASP A 21 -0.38 -23.29 -15.68
C ASP A 21 -0.96 -24.04 -14.49
N VAL A 22 -0.56 -25.32 -14.36
CA VAL A 22 -0.96 -26.20 -13.26
C VAL A 22 0.23 -27.00 -12.71
N SER A 23 1.45 -26.52 -12.95
CA SER A 23 2.67 -27.19 -12.50
C SER A 23 2.91 -27.04 -10.99
N ASN A 24 2.17 -26.13 -10.34
CA ASN A 24 2.36 -25.84 -8.93
C ASN A 24 1.02 -25.68 -8.18
N VAL A 25 0.12 -26.63 -8.39
CA VAL A 25 -1.11 -26.72 -7.61
C VAL A 25 -1.42 -28.16 -7.26
N HIS A 26 -2.21 -28.35 -6.21
CA HIS A 26 -2.64 -29.67 -5.76
C HIS A 26 -4.14 -29.73 -5.69
N ASP A 27 -4.82 -28.76 -6.29
CA ASP A 27 -6.28 -28.78 -6.40
C ASP A 27 -6.69 -27.75 -7.44
N ASP A 28 -7.99 -27.54 -7.60
CA ASP A 28 -8.49 -26.65 -8.65
C ASP A 28 -9.00 -25.30 -8.15
N GLU A 29 -8.47 -24.80 -7.02
CA GLU A 29 -9.01 -23.55 -6.45
C GLU A 29 -8.75 -22.34 -7.34
N LEU A 30 -7.56 -22.25 -7.94
CA LEU A 30 -7.23 -21.13 -8.80
C LEU A 30 -8.15 -21.09 -10.04
N GLU A 31 -8.38 -22.26 -10.65
CA GLU A 31 -9.22 -22.34 -11.83
C GLU A 31 -10.69 -22.07 -11.47
N PHE A 32 -11.08 -22.54 -10.28
CA PHE A 32 -12.40 -22.27 -9.71
C PHE A 32 -12.60 -20.76 -9.55
N THR A 33 -11.57 -20.06 -9.08
CA THR A 33 -11.62 -18.61 -8.91
C THR A 33 -11.63 -17.82 -10.22
N ARG A 34 -10.94 -18.32 -11.24
CA ARG A 34 -11.08 -17.77 -12.58
C ARG A 34 -12.54 -17.83 -13.04
N ARG A 35 -13.13 -19.02 -12.97
CA ARG A 35 -14.52 -19.21 -13.41
C ARG A 35 -15.50 -18.45 -12.51
N GLY A 36 -15.13 -18.32 -11.23
CA GLY A 36 -15.99 -17.64 -10.28
C GLY A 36 -16.02 -16.14 -10.40
N LEU A 37 -14.94 -15.54 -10.94
CA LEU A 37 -14.83 -14.09 -10.98
C LEU A 37 -15.54 -13.47 -12.19
N VAL A 38 -16.00 -14.32 -13.10
CA VAL A 38 -16.67 -13.88 -14.33
C VAL A 38 -17.94 -13.08 -14.05
N THR A 39 -18.71 -13.49 -13.04
CA THR A 39 -19.96 -12.81 -12.69
C THR A 39 -19.74 -11.37 -12.23
N PRO A 40 -18.89 -11.19 -11.20
CA PRO A 40 -18.68 -9.81 -10.72
C PRO A 40 -18.21 -8.88 -11.84
N ARG A 41 -17.30 -9.38 -12.69
CA ARG A 41 -16.85 -8.64 -13.88
C ARG A 41 -18.00 -8.23 -14.79
N MET A 42 -18.76 -9.22 -15.26
CA MET A 42 -19.83 -8.98 -16.21
C MET A 42 -20.90 -8.07 -15.61
N ALA A 43 -21.13 -8.16 -14.31
CA ALA A 43 -22.05 -7.24 -13.66
C ALA A 43 -21.53 -5.81 -13.78
N GLU A 44 -20.32 -5.58 -13.26
CA GLU A 44 -19.74 -4.23 -13.22
C GLU A 44 -19.47 -3.67 -14.61
N VAL A 45 -19.01 -4.51 -15.53
CA VAL A 45 -18.90 -4.09 -16.93
C VAL A 45 -20.25 -3.60 -17.45
N ALA A 46 -21.28 -4.40 -17.26
CA ALA A 46 -22.59 -4.13 -17.84
C ALA A 46 -23.30 -2.94 -17.18
N SER A 47 -22.92 -2.59 -15.96
CA SER A 47 -23.61 -1.52 -15.22
C SER A 47 -22.91 -0.15 -15.27
N ARG A 48 -21.65 -0.10 -15.71
CA ARG A 48 -20.88 1.15 -15.69
C ARG A 48 -21.28 2.04 -16.84
N ASP A 49 -21.37 3.35 -16.59
CA ASP A 49 -21.67 4.33 -17.63
C ASP A 49 -20.46 4.42 -18.59
N PRO A 50 -20.65 4.02 -19.87
CA PRO A 50 -19.50 3.94 -20.77
C PRO A 50 -18.83 5.30 -21.05
N LYS A 51 -19.61 6.37 -20.99
CA LYS A 51 -19.12 7.73 -21.25
C LYS A 51 -18.34 8.29 -20.05
N LEU A 52 -18.88 8.18 -18.85
CA LEU A 52 -18.15 8.57 -17.64
C LEU A 52 -16.95 7.64 -17.39
N TYR A 53 -17.09 6.38 -17.79
CA TYR A 53 -15.96 5.46 -17.75
C TYR A 53 -14.83 5.91 -18.67
N ALA A 54 -15.19 6.45 -19.83
CA ALA A 54 -14.20 6.88 -20.81
C ALA A 54 -13.45 8.13 -20.38
N MET A 55 -14.11 9.01 -19.62
CA MET A 55 -13.49 10.28 -19.19
C MET A 55 -13.08 10.29 -17.71
N HIS A 56 -13.51 9.28 -16.95
CA HIS A 56 -13.05 9.06 -15.59
C HIS A 56 -12.81 10.32 -14.80
N PRO A 57 -13.82 11.18 -14.69
CA PRO A 57 -13.64 12.41 -13.93
C PRO A 57 -13.29 12.14 -12.46
N TRP A 58 -12.10 12.54 -12.06
CA TRP A 58 -11.59 12.31 -10.70
C TRP A 58 -12.11 13.37 -9.79
N VAL A 59 -13.10 13.00 -8.98
CA VAL A 59 -13.86 13.93 -8.16
C VAL A 59 -13.99 13.48 -6.70
N THR A 60 -14.13 14.46 -5.81
CA THR A 60 -14.22 14.23 -4.36
C THR A 60 -15.42 14.94 -3.75
N SER A 61 -15.99 14.33 -2.72
CA SER A 61 -17.18 14.89 -2.07
C SER A 61 -16.84 15.61 -0.77
N LYS A 62 -15.55 15.67 -0.44
CA LYS A 62 -15.11 16.30 0.79
C LYS A 62 -15.31 17.81 0.75
N PRO A 63 -15.31 18.47 1.93
CA PRO A 63 -15.30 19.93 1.92
C PRO A 63 -13.94 20.46 1.47
N LEU A 64 -13.92 21.64 0.85
CA LEU A 64 -12.67 22.34 0.56
C LEU A 64 -12.12 22.89 1.87
N PRO A 65 -10.83 22.61 2.18
CA PRO A 65 -10.31 23.03 3.49
C PRO A 65 -10.21 24.55 3.66
N GLU A 66 -10.08 25.00 4.91
CA GLU A 66 -10.00 26.43 5.25
C GLU A 66 -8.81 27.12 4.59
N TYR A 67 -7.69 26.41 4.50
CA TYR A 67 -6.47 26.97 3.89
C TYR A 67 -6.62 27.17 2.38
N LEU A 68 -7.35 26.28 1.70
CA LEU A 68 -7.60 26.45 0.27
C LEU A 68 -8.78 27.39 -0.02
N TRP A 69 -9.56 27.71 1.01
CA TRP A 69 -10.67 28.67 0.86
C TRP A 69 -10.16 30.08 0.74
N LYS A 70 -9.32 30.47 1.69
CA LYS A 70 -8.81 31.83 1.77
C LYS A 70 -7.82 32.17 0.65
N LYS A 71 -7.61 31.24 -0.27
CA LYS A 71 -6.86 31.48 -1.50
C LYS A 71 -7.78 31.84 -2.69
N ILE A 72 -9.08 31.92 -2.45
CA ILE A 72 -10.01 32.31 -3.52
C ILE A 72 -10.48 33.75 -3.33
N ALA A 73 -10.68 34.45 -4.45
CA ALA A 73 -11.23 35.81 -4.45
C ALA A 73 -12.75 35.78 -4.59
N ASN A 74 -13.45 35.55 -3.48
CA ASN A 74 -14.90 35.68 -3.39
C ASN A 74 -15.69 35.11 -4.57
N ASN A 75 -16.10 33.85 -4.44
CA ASN A 75 -17.00 33.21 -5.41
C ASN A 75 -16.57 33.34 -6.89
N CYS A 76 -15.28 33.57 -7.12
CA CYS A 76 -14.76 33.70 -8.48
C CYS A 76 -13.52 32.85 -8.66
N ILE A 77 -13.47 32.10 -9.75
CA ILE A 77 -12.25 31.45 -10.19
C ILE A 77 -12.06 31.64 -11.70
N PHE A 78 -10.83 31.91 -12.11
CA PHE A 78 -10.50 32.08 -13.50
C PHE A 78 -10.23 30.71 -14.11
N ILE A 79 -10.82 30.46 -15.28
CA ILE A 79 -10.59 29.23 -16.02
C ILE A 79 -10.35 29.53 -17.50
N VAL A 80 -9.10 29.41 -17.92
CA VAL A 80 -8.72 29.64 -19.32
C VAL A 80 -9.16 28.48 -20.21
N ILE A 81 -10.05 28.77 -21.16
CA ILE A 81 -10.46 27.78 -22.17
C ILE A 81 -9.67 28.02 -23.46
N HIS A 82 -9.36 26.94 -24.18
CA HIS A 82 -8.57 27.00 -25.40
C HIS A 82 -9.32 26.40 -26.56
N ARG A 83 -9.26 27.09 -27.71
CA ARG A 83 -9.88 26.63 -28.95
C ARG A 83 -8.84 25.94 -29.84
N SER A 84 -7.80 26.70 -30.19
CA SER A 84 -6.70 26.21 -31.03
C SER A 84 -5.50 27.14 -30.85
N THR A 85 -5.66 28.37 -31.30
CA THR A 85 -4.68 29.43 -31.11
C THR A 85 -5.13 30.37 -30.00
N THR A 86 -6.35 30.90 -30.14
CA THR A 86 -6.90 31.85 -29.17
C THR A 86 -7.48 31.12 -27.96
N SER A 87 -7.63 31.85 -26.86
CA SER A 87 -8.04 31.27 -25.58
C SER A 87 -8.61 32.33 -24.63
N GLN A 88 -9.92 32.29 -24.43
CA GLN A 88 -10.60 33.22 -23.53
C GLN A 88 -10.57 32.74 -22.07
N THR A 89 -10.79 33.68 -21.15
CA THR A 89 -10.58 33.45 -19.72
C THR A 89 -11.84 33.81 -18.92
N ILE A 90 -12.52 32.81 -18.35
CA ILE A 90 -13.85 33.00 -17.73
C ILE A 90 -13.83 33.07 -16.19
N LYS A 91 -14.74 33.88 -15.64
CA LYS A 91 -15.02 33.90 -14.20
C LYS A 91 -16.07 32.82 -13.92
N VAL A 92 -15.87 32.06 -12.84
CA VAL A 92 -16.78 30.98 -12.46
C VAL A 92 -16.95 30.91 -10.94
N SER A 93 -18.12 30.45 -10.48
CA SER A 93 -18.38 30.20 -9.06
C SER A 93 -18.06 28.76 -8.67
N PRO A 94 -17.31 28.55 -7.56
CA PRO A 94 -16.96 27.20 -7.09
C PRO A 94 -18.10 26.19 -7.24
N ASP A 95 -19.32 26.63 -7.06
CA ASP A 95 -20.46 25.74 -7.12
C ASP A 95 -20.97 25.50 -8.54
N ASP A 96 -20.30 26.07 -9.54
CA ASP A 96 -20.70 25.89 -10.93
C ASP A 96 -20.32 24.50 -11.45
N THR A 97 -21.30 23.82 -12.05
CA THR A 97 -21.05 22.56 -12.76
C THR A 97 -20.24 22.84 -14.04
N PRO A 98 -19.50 21.83 -14.56
CA PRO A 98 -18.85 21.97 -15.86
C PRO A 98 -19.79 22.45 -16.98
N GLY A 99 -21.05 22.02 -16.93
CA GLY A 99 -22.08 22.51 -17.87
C GLY A 99 -22.41 23.97 -17.68
N ALA A 100 -22.43 24.42 -16.43
CA ALA A 100 -22.72 25.82 -16.08
C ALA A 100 -21.58 26.77 -16.48
N ILE A 101 -20.41 26.21 -16.76
CA ILE A 101 -19.29 26.99 -17.28
C ILE A 101 -19.31 27.02 -18.80
N LEU A 102 -19.79 25.95 -19.43
CA LEU A 102 -19.85 25.85 -20.90
C LEU A 102 -20.78 26.88 -21.55
N GLN A 103 -22.00 26.98 -21.04
CA GLN A 103 -22.93 27.99 -21.49
C GLN A 103 -22.36 29.38 -21.17
N SER A 104 -21.84 29.51 -19.95
CA SER A 104 -21.15 30.72 -19.51
C SER A 104 -19.83 30.92 -20.26
N ASP A 126 -21.99 17.84 -29.25
CA ASP A 126 -21.51 18.22 -27.92
C ASP A 126 -19.98 18.15 -27.83
N PHE A 127 -19.42 18.95 -26.93
CA PHE A 127 -17.99 18.98 -26.66
C PHE A 127 -17.75 18.76 -25.17
N VAL A 128 -16.49 18.76 -24.75
CA VAL A 128 -16.15 18.56 -23.33
C VAL A 128 -14.81 19.21 -22.98
N LEU A 129 -14.72 19.69 -21.75
CA LEU A 129 -13.53 20.36 -21.28
C LEU A 129 -12.48 19.36 -20.80
N ARG A 130 -11.28 19.42 -21.38
CA ARG A 130 -10.18 18.56 -20.98
C ARG A 130 -9.05 19.42 -20.43
N VAL A 131 -8.38 18.95 -19.39
CA VAL A 131 -7.25 19.70 -18.83
C VAL A 131 -6.07 19.68 -19.81
N CYS A 132 -5.40 20.82 -19.94
CA CYS A 132 -4.31 20.96 -20.89
C CYS A 132 -3.08 20.17 -20.45
N GLY A 133 -2.64 19.25 -21.31
CA GLY A 133 -1.43 18.46 -21.12
C GLY A 133 -1.66 17.03 -20.68
N ARG A 134 -2.89 16.72 -20.26
CA ARG A 134 -3.21 15.46 -19.60
C ARG A 134 -4.43 14.79 -20.20
N ASP A 135 -4.53 13.46 -20.03
CA ASP A 135 -5.76 12.74 -20.30
C ASP A 135 -6.60 12.80 -19.03
N GLU A 136 -7.16 13.99 -18.80
CA GLU A 136 -7.98 14.29 -17.63
C GLU A 136 -9.09 15.24 -18.06
N TYR A 137 -10.32 14.98 -17.61
CA TYR A 137 -11.48 15.70 -18.06
C TYR A 137 -12.25 16.30 -16.89
N LEU A 138 -12.93 17.42 -17.15
CA LEU A 138 -13.83 18.06 -16.20
C LEU A 138 -15.26 17.90 -16.68
N VAL A 139 -15.90 16.80 -16.27
CA VAL A 139 -17.28 16.47 -16.66
C VAL A 139 -18.05 15.78 -15.54
N GLY A 140 -19.38 15.81 -15.66
CA GLY A 140 -20.26 15.16 -14.69
C GLY A 140 -20.94 16.14 -13.74
N GLU A 141 -21.83 15.61 -12.91
CA GLU A 141 -22.72 16.43 -12.08
C GLU A 141 -22.11 16.68 -10.70
N THR A 142 -21.02 17.44 -10.67
CA THR A 142 -20.45 17.92 -9.40
C THR A 142 -19.86 19.31 -9.64
N PRO A 143 -19.85 20.14 -8.59
CA PRO A 143 -19.30 21.48 -8.74
C PRO A 143 -17.80 21.44 -9.03
N ILE A 144 -17.28 22.51 -9.65
CA ILE A 144 -15.86 22.55 -10.00
C ILE A 144 -14.92 22.58 -8.77
N LYS A 145 -15.46 22.92 -7.59
CA LYS A 145 -14.71 22.78 -6.34
C LYS A 145 -14.48 21.32 -5.94
N ASN A 146 -15.20 20.39 -6.60
CA ASN A 146 -15.12 18.96 -6.29
C ASN A 146 -14.31 18.14 -7.32
N PHE A 147 -13.57 18.80 -8.20
CA PHE A 147 -12.59 18.10 -9.04
C PHE A 147 -11.20 18.26 -8.43
N GLN A 148 -10.43 17.18 -8.36
CA GLN A 148 -9.12 17.23 -7.70
C GLN A 148 -8.15 18.13 -8.44
N TRP A 149 -8.21 18.12 -9.78
CA TRP A 149 -7.31 18.95 -10.58
C TRP A 149 -7.46 20.41 -10.26
N VAL A 150 -8.68 20.82 -9.97
CA VAL A 150 -8.94 22.20 -9.59
C VAL A 150 -8.45 22.49 -8.17
N ARG A 151 -8.48 21.49 -7.29
CA ARG A 151 -7.90 21.62 -5.95
C ARG A 151 -6.38 21.60 -6.01
N HIS A 152 -5.82 21.00 -7.06
CA HIS A 152 -4.37 20.99 -7.28
C HIS A 152 -3.87 22.33 -7.77
N CYS A 153 -4.63 22.95 -8.67
CA CYS A 153 -4.30 24.27 -9.16
C CYS A 153 -4.39 25.30 -8.04
N LEU A 154 -5.45 25.22 -7.24
CA LEU A 154 -5.64 26.09 -6.09
C LEU A 154 -4.55 25.94 -5.03
N LYS A 155 -4.11 24.72 -4.77
CA LYS A 155 -3.08 24.47 -3.76
C LYS A 155 -1.76 25.14 -4.13
N ASN A 156 -1.25 24.79 -5.32
CA ASN A 156 0.03 25.31 -5.78
C ASN A 156 -0.06 26.76 -6.28
N GLY A 157 -1.28 27.26 -6.49
CA GLY A 157 -1.51 28.63 -6.96
C GLY A 157 -1.34 28.77 -8.47
N GLU A 158 -2.01 27.88 -9.21
CA GLU A 158 -1.88 27.82 -10.67
C GLU A 158 -3.22 28.07 -11.35
N GLU A 159 -3.18 28.22 -12.67
CA GLU A 159 -4.35 28.65 -13.45
C GLU A 159 -4.91 27.50 -14.29
N ILE A 160 -6.23 27.30 -14.20
CA ILE A 160 -6.88 26.08 -14.71
C ILE A 160 -7.03 26.11 -16.23
N HIS A 161 -5.99 25.71 -16.92
CA HIS A 161 -6.02 25.69 -18.39
C HIS A 161 -6.69 24.45 -18.90
N VAL A 162 -7.89 24.63 -19.43
CA VAL A 162 -8.66 23.56 -20.03
C VAL A 162 -8.60 23.71 -21.56
N VAL A 163 -9.15 22.75 -22.29
CA VAL A 163 -9.18 22.79 -23.76
C VAL A 163 -10.46 22.15 -24.27
N LEU A 164 -11.28 22.94 -24.96
CA LEU A 164 -12.52 22.44 -25.55
C LEU A 164 -12.14 21.33 -26.54
N ASP A 165 -12.54 20.10 -26.22
CA ASP A 165 -12.13 18.92 -26.99
C ASP A 165 -13.34 18.02 -27.27
N THR A 166 -13.17 17.09 -28.20
CA THR A 166 -14.23 16.12 -28.50
C THR A 166 -14.15 14.99 -27.47
N PRO A 167 -15.32 14.53 -26.98
CA PRO A 167 -15.26 13.41 -26.05
C PRO A 167 -14.63 12.15 -26.66
N PRO A 168 -13.87 11.38 -25.87
CA PRO A 168 -13.28 10.16 -26.38
C PRO A 168 -14.32 9.06 -26.54
N ASP A 169 -14.20 8.29 -27.61
CA ASP A 169 -15.23 7.35 -28.06
C ASP A 169 -15.34 6.13 -27.14
N PRO A 170 -16.52 5.89 -26.54
CA PRO A 170 -16.76 4.68 -25.74
C PRO A 170 -16.60 3.36 -26.50
N ALA A 171 -16.62 3.41 -27.83
CA ALA A 171 -16.28 2.25 -28.64
C ALA A 171 -14.88 1.74 -28.28
N LEU A 172 -13.98 2.68 -27.98
CA LEU A 172 -12.59 2.36 -27.67
C LEU A 172 -12.41 1.55 -26.39
N ASP A 173 -13.40 1.60 -25.51
CA ASP A 173 -13.37 0.88 -24.22
C ASP A 173 -14.17 -0.43 -24.25
N GLU A 174 -14.44 -0.92 -25.45
CA GLU A 174 -15.26 -2.11 -25.62
C GLU A 174 -14.52 -3.31 -25.08
N VAL A 175 -15.29 -4.30 -24.60
CA VAL A 175 -14.72 -5.53 -24.07
C VAL A 175 -15.04 -6.71 -24.99
N ARG A 176 -14.00 -7.47 -25.31
CA ARG A 176 -14.11 -8.73 -26.05
C ARG A 176 -14.98 -9.70 -25.25
N LYS A 177 -16.07 -10.17 -25.86
CA LYS A 177 -17.06 -10.99 -25.15
C LYS A 177 -16.54 -12.41 -24.92
N GLU A 178 -17.12 -13.09 -23.94
CA GLU A 178 -16.81 -14.50 -23.66
C GLU A 178 -18.01 -15.40 -23.94
N VAL A 209 -22.40 -36.68 2.91
CA VAL A 209 -22.25 -36.74 4.36
C VAL A 209 -21.94 -35.36 4.92
N SER A 210 -22.58 -35.03 6.05
CA SER A 210 -22.39 -33.74 6.72
C SER A 210 -21.18 -33.75 7.65
N LEU A 211 -20.52 -32.60 7.76
CA LEU A 211 -19.34 -32.46 8.63
C LEU A 211 -19.76 -32.49 10.10
N TRP A 212 -20.92 -31.91 10.39
CA TRP A 212 -21.42 -31.79 11.76
C TRP A 212 -22.07 -33.05 12.26
N ASP A 213 -22.08 -34.09 11.42
CA ASP A 213 -22.49 -35.43 11.82
C ASP A 213 -21.28 -36.35 11.98
N CYS A 214 -20.11 -35.78 12.25
CA CYS A 214 -18.89 -36.58 12.39
C CYS A 214 -18.10 -36.23 13.66
N ASP A 215 -18.19 -37.11 14.65
CA ASP A 215 -17.56 -36.90 15.98
C ASP A 215 -16.14 -37.43 16.05
N ARG A 216 -15.66 -38.03 14.96
CA ARG A 216 -14.29 -38.52 14.90
C ARG A 216 -13.32 -37.36 15.17
N LYS A 217 -12.27 -37.63 15.93
CA LYS A 217 -11.16 -36.70 16.03
C LYS A 217 -10.45 -36.62 14.68
N PHE A 218 -10.07 -35.40 14.28
CA PHE A 218 -9.30 -35.20 13.05
C PHE A 218 -7.90 -35.74 13.26
N ARG A 219 -7.37 -36.36 12.22
CA ARG A 219 -6.01 -36.88 12.26
C ARG A 219 -5.35 -36.80 10.90
N VAL A 220 -4.03 -36.58 10.93
CA VAL A 220 -3.23 -36.50 9.72
C VAL A 220 -2.02 -37.41 9.87
N LYS A 221 -1.74 -38.17 8.81
CA LYS A 221 -0.57 -39.03 8.77
C LYS A 221 0.59 -38.29 8.13
N ILE A 222 1.68 -38.17 8.86
CA ILE A 222 2.93 -37.66 8.33
C ILE A 222 3.75 -38.85 7.86
N ARG A 223 3.89 -39.01 6.54
CA ARG A 223 4.71 -40.08 5.96
C ARG A 223 6.17 -39.77 6.11
N GLY A 224 6.56 -38.55 5.79
CA GLY A 224 7.94 -38.15 5.91
C GLY A 224 8.24 -36.92 5.11
N ILE A 225 9.48 -36.43 5.25
CA ILE A 225 9.99 -35.32 4.47
C ILE A 225 11.15 -35.77 3.60
N ASP A 226 11.27 -35.14 2.42
CA ASP A 226 12.42 -35.38 1.54
C ASP A 226 13.01 -34.07 1.05
N ILE A 227 14.33 -34.04 0.99
CA ILE A 227 15.08 -32.92 0.44
C ILE A 227 16.20 -33.49 -0.44
N PRO A 228 16.44 -32.92 -1.64
CA PRO A 228 17.54 -33.46 -2.46
C PRO A 228 18.95 -33.13 -1.97
N VAL A 229 19.10 -32.11 -1.12
CA VAL A 229 20.38 -31.71 -0.55
C VAL A 229 20.20 -31.04 0.81
N LEU A 230 20.96 -31.47 1.81
CA LEU A 230 20.98 -30.83 3.13
C LEU A 230 21.70 -29.47 3.08
N ASP A 235 25.53 -32.10 11.66
CA ASP A 235 24.13 -32.51 11.54
C ASP A 235 23.40 -32.42 12.87
N LEU A 236 22.07 -32.44 12.81
CA LEU A 236 21.20 -32.41 13.99
C LEU A 236 20.00 -33.34 13.77
N THR A 237 19.09 -33.42 14.74
CA THR A 237 17.82 -34.14 14.60
C THR A 237 16.69 -33.18 14.16
N VAL A 238 15.52 -33.74 13.83
CA VAL A 238 14.45 -32.99 13.17
C VAL A 238 13.06 -33.56 13.48
N PHE A 239 12.06 -32.68 13.66
CA PHE A 239 10.67 -33.09 13.87
C PHE A 239 9.62 -32.19 13.20
N VAL A 240 8.60 -32.81 12.62
CA VAL A 240 7.48 -32.10 12.04
C VAL A 240 6.54 -31.64 13.16
N GLU A 241 6.12 -30.38 13.11
CA GLU A 241 5.05 -29.86 13.98
C GLU A 241 3.84 -29.57 13.11
N ALA A 242 2.69 -30.13 13.50
CA ALA A 242 1.45 -29.97 12.74
C ALA A 242 0.43 -29.15 13.54
N ASN A 243 0.08 -27.95 13.05
CA ASN A 243 -0.84 -27.04 13.75
C ASN A 243 -2.18 -26.90 13.05
N ILE A 244 -3.29 -27.10 13.74
CA ILE A 244 -4.58 -26.66 13.19
C ILE A 244 -4.72 -25.17 13.52
N GLN A 245 -4.91 -24.33 12.49
CA GLN A 245 -4.92 -22.90 12.68
C GLN A 245 -6.15 -22.17 12.17
N HIS A 246 -6.36 -20.98 12.74
CA HIS A 246 -7.46 -20.12 12.34
C HIS A 246 -7.07 -18.72 12.69
N GLY A 247 -6.80 -17.91 11.67
CA GLY A 247 -6.07 -16.67 11.86
C GLY A 247 -4.66 -17.05 12.29
N GLN A 248 -4.10 -16.28 13.22
CA GLN A 248 -2.85 -16.64 13.86
C GLN A 248 -3.12 -17.59 15.04
N GLN A 249 -4.39 -17.69 15.46
CA GLN A 249 -4.79 -18.60 16.54
C GLN A 249 -4.43 -20.05 16.20
N VAL A 250 -3.68 -20.71 17.09
CA VAL A 250 -3.40 -22.13 16.96
C VAL A 250 -4.42 -22.92 17.79
N LEU A 251 -5.30 -23.63 17.12
CA LEU A 251 -6.40 -24.35 17.78
C LEU A 251 -5.94 -25.63 18.45
N CYS A 252 -4.97 -26.29 17.83
CA CYS A 252 -4.58 -27.62 18.23
C CYS A 252 -3.21 -27.88 17.65
N GLN A 253 -2.34 -28.47 18.47
CA GLN A 253 -0.95 -28.73 18.04
C GLN A 253 -0.52 -30.18 18.35
N ARG A 254 0.30 -30.75 17.46
CA ARG A 254 0.87 -32.08 17.66
C ARG A 254 2.22 -32.18 16.97
N ARG A 255 3.21 -32.73 17.67
CA ARG A 255 4.55 -32.96 17.13
C ARG A 255 4.74 -34.42 16.71
N THR A 256 5.77 -34.67 15.91
CA THR A 256 6.34 -36.00 15.74
C THR A 256 7.48 -36.18 16.74
N SER A 257 7.93 -37.43 16.85
CA SER A 257 9.13 -37.77 17.57
C SER A 257 10.32 -37.30 16.75
N PRO A 258 11.41 -36.88 17.40
CA PRO A 258 12.54 -36.37 16.62
C PRO A 258 13.40 -37.49 16.01
N LYS A 259 13.54 -37.48 14.68
CA LYS A 259 14.43 -38.41 13.97
C LYS A 259 15.73 -37.70 13.56
N PRO A 260 16.74 -38.48 13.16
CA PRO A 260 17.95 -37.90 12.54
C PRO A 260 17.67 -37.19 11.20
N PHE A 261 18.34 -36.06 10.97
CA PHE A 261 18.08 -35.24 9.77
C PHE A 261 18.95 -35.66 8.59
N THR A 262 18.53 -36.71 7.90
CA THR A 262 19.10 -37.11 6.63
C THR A 262 18.20 -36.61 5.50
N GLU A 263 18.68 -36.72 4.27
CA GLU A 263 17.99 -36.13 3.12
C GLU A 263 16.65 -36.82 2.80
N GLU A 264 16.33 -37.86 3.57
CA GLU A 264 14.98 -38.41 3.62
C GLU A 264 14.69 -38.87 5.05
N VAL A 265 13.54 -38.51 5.59
CA VAL A 265 13.15 -38.99 6.92
C VAL A 265 11.68 -39.39 6.95
N LEU A 266 11.44 -40.68 7.22
CA LEU A 266 10.10 -41.25 7.28
C LEU A 266 9.68 -41.49 8.73
N TRP A 267 8.36 -41.52 8.93
CA TRP A 267 7.74 -41.61 10.25
C TRP A 267 6.59 -42.58 10.22
N ASN A 268 5.74 -42.44 9.19
CA ASN A 268 4.50 -43.20 9.02
C ASN A 268 3.50 -43.01 10.15
N VAL A 269 3.58 -41.88 10.86
CA VAL A 269 2.80 -41.69 12.10
C VAL A 269 1.49 -40.95 11.89
N TRP A 270 0.44 -41.42 12.56
CA TRP A 270 -0.80 -40.68 12.69
C TRP A 270 -0.67 -39.75 13.85
N LEU A 271 -0.85 -38.46 13.60
CA LEU A 271 -1.02 -37.46 14.65
C LEU A 271 -2.51 -37.28 14.85
N GLU A 272 -3.03 -37.73 15.98
CA GLU A 272 -4.42 -37.51 16.31
C GLU A 272 -4.52 -36.19 17.03
N PHE A 273 -5.40 -35.32 16.53
CA PHE A 273 -5.66 -34.03 17.16
C PHE A 273 -6.83 -34.18 18.12
N SER A 274 -6.94 -33.23 19.05
CA SER A 274 -8.03 -33.25 20.04
C SER A 274 -9.32 -32.65 19.47
N ILE A 275 -9.19 -31.78 18.48
CA ILE A 275 -10.37 -31.23 17.78
C ILE A 275 -11.07 -32.32 16.95
N LYS A 276 -12.39 -32.19 16.84
CA LYS A 276 -13.22 -33.08 16.02
C LYS A 276 -13.55 -32.49 14.65
N ILE A 277 -13.70 -33.37 13.65
CA ILE A 277 -14.01 -32.98 12.27
C ILE A 277 -15.15 -31.96 12.21
N LYS A 278 -16.16 -32.16 13.05
CA LYS A 278 -17.32 -31.27 13.10
C LYS A 278 -17.01 -29.90 13.68
N ASP A 279 -15.92 -29.80 14.43
CA ASP A 279 -15.54 -28.55 15.07
C ASP A 279 -14.55 -27.73 14.23
N LEU A 280 -14.06 -28.30 13.12
CA LEU A 280 -13.22 -27.57 12.16
C LEU A 280 -14.05 -26.50 11.45
N PRO A 281 -13.56 -25.23 11.46
CA PRO A 281 -14.24 -24.11 10.79
C PRO A 281 -13.65 -23.86 9.42
N LYS A 282 -14.44 -23.25 8.54
CA LYS A 282 -13.98 -22.99 7.21
C LYS A 282 -12.81 -22.06 7.32
N GLY A 283 -11.83 -22.21 6.42
CA GLY A 283 -10.59 -21.45 6.49
C GLY A 283 -9.60 -21.96 7.52
N ALA A 284 -9.81 -23.16 8.06
CA ALA A 284 -8.86 -23.73 9.01
C ALA A 284 -7.66 -24.25 8.23
N LEU A 285 -6.48 -23.75 8.58
CA LEU A 285 -5.22 -24.20 7.97
C LEU A 285 -4.62 -25.33 8.76
N LEU A 286 -4.33 -26.44 8.10
CA LEU A 286 -3.35 -27.37 8.62
C LEU A 286 -2.00 -26.74 8.28
N ASN A 287 -1.28 -26.29 9.29
CA ASN A 287 0.04 -25.70 9.11
C ASN A 287 1.10 -26.71 9.52
N LEU A 288 2.03 -27.01 8.62
CA LEU A 288 3.09 -28.01 8.84
C LEU A 288 4.40 -27.28 8.91
N GLN A 289 5.19 -27.57 9.94
CA GLN A 289 6.44 -26.86 10.20
C GLN A 289 7.56 -27.80 10.65
N ILE A 290 8.76 -27.51 10.19
CA ILE A 290 9.89 -28.40 10.40
C ILE A 290 10.90 -27.70 11.29
N TYR A 291 11.12 -28.29 12.47
CA TYR A 291 12.07 -27.79 13.45
C TYR A 291 13.25 -28.74 13.55
N CYS A 292 14.41 -28.19 13.88
CA CYS A 292 15.60 -28.99 14.12
C CYS A 292 16.23 -28.62 15.46
N LYS A 314 16.33 -25.02 22.08
CA LYS A 314 17.35 -25.37 21.11
C LYS A 314 16.78 -25.59 19.70
N VAL A 315 15.44 -25.54 19.57
CA VAL A 315 14.81 -25.78 18.27
C VAL A 315 14.94 -24.55 17.37
N GLN A 316 14.66 -24.74 16.08
CA GLN A 316 14.67 -23.64 15.12
C GLN A 316 13.82 -23.97 13.90
N LEU A 317 12.94 -23.04 13.52
CA LEU A 317 12.04 -23.24 12.38
C LEU A 317 12.78 -23.12 11.07
N LEU A 318 12.68 -24.15 10.23
CA LEU A 318 13.43 -24.22 8.99
C LEU A 318 12.58 -24.17 7.73
N TYR A 319 11.40 -24.78 7.76
CA TYR A 319 10.51 -24.87 6.60
C TYR A 319 9.07 -24.89 7.03
N TYR A 320 8.21 -24.21 6.27
CA TYR A 320 6.78 -24.26 6.58
C TYR A 320 5.97 -24.45 5.32
N VAL A 321 4.80 -25.06 5.47
CA VAL A 321 3.79 -25.07 4.41
C VAL A 321 2.40 -25.17 5.06
N ASN A 322 1.39 -24.80 4.31
CA ASN A 322 0.01 -24.81 4.79
C ASN A 322 -0.88 -25.54 3.81
N LEU A 323 -2.02 -25.98 4.31
CA LEU A 323 -3.01 -26.66 3.49
C LEU A 323 -4.36 -26.37 4.09
N LEU A 324 -5.25 -25.81 3.29
CA LEU A 324 -6.64 -25.54 3.71
C LEU A 324 -7.39 -26.84 3.93
N LEU A 325 -7.69 -27.14 5.19
CA LEU A 325 -8.39 -28.36 5.53
C LEU A 325 -9.79 -28.44 4.90
N ILE A 326 -10.52 -27.32 4.86
CA ILE A 326 -11.83 -27.29 4.18
C ILE A 326 -11.71 -26.48 2.89
N ASP A 327 -12.02 -27.10 1.77
CA ASP A 327 -11.75 -26.51 0.47
C ASP A 327 -12.81 -25.46 0.07
N HIS A 328 -12.62 -24.91 -1.12
CA HIS A 328 -13.48 -23.86 -1.70
C HIS A 328 -14.89 -24.29 -2.06
N ARG A 329 -15.17 -25.59 -2.07
CA ARG A 329 -16.55 -26.10 -2.18
C ARG A 329 -17.18 -26.47 -0.82
N PHE A 330 -16.52 -26.11 0.27
CA PHE A 330 -16.94 -26.49 1.63
C PHE A 330 -16.73 -27.99 1.95
N LEU A 331 -15.84 -28.67 1.23
CA LEU A 331 -15.58 -30.12 1.45
C LEU A 331 -14.36 -30.33 2.33
N LEU A 332 -14.39 -31.35 3.19
CA LEU A 332 -13.18 -31.75 3.94
C LEU A 332 -12.16 -32.37 3.00
N ARG A 333 -10.91 -31.96 3.14
CA ARG A 333 -9.87 -32.30 2.18
C ARG A 333 -9.29 -33.70 2.45
N ARG A 334 -9.33 -34.57 1.44
CA ARG A 334 -8.92 -35.99 1.59
C ARG A 334 -7.76 -36.38 0.68
N GLY A 335 -7.01 -37.39 1.10
CA GLY A 335 -6.05 -38.05 0.20
C GLY A 335 -4.57 -37.75 0.42
N GLU A 336 -3.80 -37.95 -0.63
CA GLU A 336 -2.34 -37.86 -0.57
C GLU A 336 -1.90 -36.48 -1.03
N TYR A 337 -0.90 -35.94 -0.34
CA TYR A 337 -0.32 -34.65 -0.68
C TYR A 337 1.18 -34.69 -0.52
N VAL A 338 1.90 -34.33 -1.56
CA VAL A 338 3.32 -34.04 -1.48
C VAL A 338 3.45 -32.56 -1.70
N LEU A 339 3.64 -31.82 -0.61
CA LEU A 339 3.66 -30.36 -0.60
C LEU A 339 5.08 -29.82 -0.52
N HIS A 340 5.50 -29.08 -1.52
CA HIS A 340 6.80 -28.40 -1.48
C HIS A 340 6.77 -27.16 -0.63
N MET A 341 7.72 -27.08 0.30
CA MET A 341 7.66 -26.12 1.42
C MET A 341 8.55 -24.90 1.20
N TRP A 342 8.28 -23.87 1.99
CA TRP A 342 9.05 -22.62 1.96
C TRP A 342 10.11 -22.65 3.02
N GLN A 343 11.30 -22.15 2.68
CA GLN A 343 12.38 -22.04 3.64
C GLN A 343 12.25 -20.76 4.43
N ILE A 344 12.90 -20.70 5.59
CA ILE A 344 13.07 -19.45 6.34
C ILE A 344 14.47 -18.90 6.04
N SER A 345 14.66 -17.59 6.24
CA SER A 345 15.98 -16.95 6.10
C SER A 345 16.95 -17.40 7.21
N SER A 353 7.33 -14.19 14.79
CA SER A 353 7.43 -13.60 13.46
C SER A 353 6.06 -13.52 12.79
N PHE A 354 5.42 -12.35 12.89
CA PHE A 354 4.18 -12.11 12.16
C PHE A 354 4.57 -11.70 10.75
N ASN A 355 4.36 -12.58 9.79
CA ASN A 355 4.73 -12.31 8.42
C ASN A 355 3.69 -12.93 7.52
N ALA A 356 3.12 -12.11 6.65
CA ALA A 356 2.01 -12.51 5.81
C ALA A 356 2.37 -13.69 4.89
N ASP A 357 3.65 -13.86 4.55
CA ASP A 357 4.07 -15.04 3.78
C ASP A 357 3.84 -16.38 4.52
N LYS A 358 3.94 -16.38 5.85
CA LYS A 358 3.74 -17.61 6.62
C LYS A 358 2.32 -18.16 6.56
N LEU A 359 1.39 -17.40 5.97
CA LEU A 359 -0.01 -17.83 5.89
C LEU A 359 -0.44 -18.50 4.59
N THR A 360 0.36 -18.39 3.52
CA THR A 360 -0.12 -18.67 2.15
C THR A 360 -0.51 -20.13 1.88
N SER A 361 -1.53 -20.35 1.07
CA SER A 361 -1.91 -21.70 0.59
C SER A 361 -1.00 -22.15 -0.56
N ALA A 362 -0.20 -21.24 -1.08
CA ALA A 362 0.73 -21.56 -2.14
C ALA A 362 1.82 -22.47 -1.61
N THR A 363 2.27 -23.37 -2.48
CA THR A 363 3.41 -24.23 -2.22
C THR A 363 4.55 -23.79 -3.13
N ASN A 364 5.77 -24.01 -2.66
CA ASN A 364 6.99 -23.67 -3.40
C ASN A 364 6.97 -24.24 -4.85
N PRO A 365 7.09 -23.38 -5.87
CA PRO A 365 7.13 -23.90 -7.25
C PRO A 365 8.50 -24.47 -7.65
N ASP A 366 9.55 -24.15 -6.88
CA ASP A 366 10.91 -24.67 -7.08
C ASP A 366 11.01 -26.10 -6.57
N LYS A 367 10.44 -27.02 -7.33
CA LYS A 367 10.41 -28.47 -6.99
C LYS A 367 11.79 -29.10 -6.81
N GLU A 368 12.80 -28.54 -7.48
CA GLU A 368 14.14 -29.15 -7.53
C GLU A 368 14.97 -28.93 -6.25
N ASN A 369 14.96 -27.72 -5.70
CA ASN A 369 15.76 -27.42 -4.52
C ASN A 369 15.02 -27.60 -3.19
N SER A 370 13.68 -27.62 -3.24
CA SER A 370 12.89 -27.40 -2.04
C SER A 370 12.54 -28.68 -1.30
N MET A 371 12.59 -28.56 0.03
CA MET A 371 12.08 -29.56 0.97
C MET A 371 10.61 -29.85 0.72
N SER A 372 10.24 -31.13 0.76
CA SER A 372 8.84 -31.49 0.68
C SER A 372 8.45 -32.37 1.85
N ILE A 373 7.16 -32.36 2.14
CA ILE A 373 6.58 -33.19 3.17
C ILE A 373 5.49 -34.03 2.50
N SER A 374 5.25 -35.24 3.03
CA SER A 374 4.28 -36.15 2.45
C SER A 374 3.32 -36.59 3.52
N ILE A 375 2.05 -36.40 3.27
CA ILE A 375 1.05 -36.61 4.29
C ILE A 375 -0.16 -37.35 3.71
N LEU A 376 -1.04 -37.80 4.61
CA LEU A 376 -2.27 -38.47 4.20
C LEU A 376 -3.40 -38.10 5.14
N LEU A 377 -4.54 -37.74 4.56
CA LEU A 377 -5.78 -37.45 5.29
C LEU A 377 -6.86 -38.47 4.91
N ASP A 378 -7.45 -39.14 5.90
CA ASP A 378 -8.62 -39.98 5.64
C ASP A 378 -9.51 -40.14 6.87
N PRO A 383 -17.13 -38.41 1.45
CA PRO A 383 -17.65 -37.15 0.94
C PRO A 383 -18.25 -36.30 2.06
N ILE A 384 -17.38 -35.82 2.96
CA ILE A 384 -17.80 -35.08 4.15
C ILE A 384 -17.79 -33.58 3.86
N ALA A 385 -18.99 -32.98 3.85
CA ALA A 385 -19.17 -31.58 3.47
C ALA A 385 -19.62 -30.74 4.67
N LEU A 386 -19.21 -29.47 4.68
CA LEU A 386 -19.64 -28.50 5.70
C LEU A 386 -20.97 -27.85 5.26
N PRO A 387 -21.92 -27.67 6.21
CA PRO A 387 -23.13 -26.87 5.96
C PRO A 387 -22.94 -25.34 6.08
N LYS A 388 -24.04 -24.60 6.04
CA LYS A 388 -24.05 -23.18 6.43
C LYS A 388 -25.44 -22.75 6.94
N HIS A 389 -25.47 -22.01 8.05
CA HIS A 389 -26.73 -21.59 8.67
C HIS A 389 -27.35 -20.44 7.93
N GLU A 403 -29.22 -4.06 31.19
CA GLU A 403 -29.32 -5.50 31.48
C GLU A 403 -28.22 -6.01 32.39
N MET A 404 -27.05 -5.35 32.41
CA MET A 404 -25.91 -5.85 33.19
C MET A 404 -25.45 -4.88 34.30
N PRO A 405 -24.78 -5.42 35.33
CA PRO A 405 -24.20 -4.64 36.43
C PRO A 405 -23.46 -3.40 35.99
N ASN A 406 -23.23 -2.51 36.94
CA ASN A 406 -22.57 -1.26 36.63
C ASN A 406 -21.07 -1.46 36.48
N GLN A 407 -20.48 -2.21 37.41
CA GLN A 407 -19.03 -2.45 37.38
C GLN A 407 -18.64 -3.18 36.11
N LEU A 408 -19.47 -4.15 35.70
CA LEU A 408 -19.19 -4.97 34.53
C LEU A 408 -19.24 -4.14 33.25
N ARG A 409 -20.33 -3.39 33.09
CA ARG A 409 -20.43 -2.42 31.99
C ARG A 409 -19.16 -1.59 31.87
N LYS A 410 -18.61 -1.10 32.99
CA LYS A 410 -17.41 -0.26 32.93
C LYS A 410 -16.21 -1.06 32.45
N GLN A 411 -16.04 -2.26 32.99
CA GLN A 411 -14.92 -3.11 32.61
C GLN A 411 -14.95 -3.41 31.11
N LEU A 412 -16.17 -3.63 30.60
CA LEU A 412 -16.41 -3.91 29.18
C LEU A 412 -16.08 -2.69 28.31
N GLU A 413 -16.61 -1.54 28.70
CA GLU A 413 -16.36 -0.30 28.00
C GLU A 413 -14.89 0.10 28.04
N ALA A 414 -14.22 -0.21 29.16
CA ALA A 414 -12.76 -0.01 29.25
C ALA A 414 -12.02 -0.85 28.21
N ILE A 415 -12.48 -2.09 28.02
CA ILE A 415 -11.89 -3.01 27.03
C ILE A 415 -12.17 -2.55 25.60
N ILE A 416 -13.45 -2.27 25.29
CA ILE A 416 -13.79 -1.69 23.99
C ILE A 416 -12.99 -0.42 23.70
N ALA A 417 -12.66 0.34 24.74
CA ALA A 417 -11.97 1.62 24.54
C ALA A 417 -10.46 1.50 24.22
N THR A 418 -9.86 0.33 24.45
CA THR A 418 -8.41 0.20 24.26
C THR A 418 -8.02 0.06 22.79
N ASP A 419 -6.76 0.30 22.49
CA ASP A 419 -6.24 0.28 21.12
C ASP A 419 -6.27 -1.12 20.51
N PRO A 420 -6.14 -1.23 19.16
CA PRO A 420 -6.15 -2.52 18.48
C PRO A 420 -5.05 -3.49 18.93
N LEU A 421 -3.93 -2.94 19.40
CA LEU A 421 -2.79 -3.77 19.79
C LEU A 421 -2.78 -4.19 21.25
N ASN A 422 -3.69 -3.65 22.06
CA ASN A 422 -3.76 -4.02 23.48
C ASN A 422 -4.30 -5.45 23.60
N PRO A 423 -3.50 -6.37 24.17
CA PRO A 423 -3.90 -7.77 24.18
C PRO A 423 -5.08 -8.07 25.09
N LEU A 424 -6.00 -8.92 24.64
CA LEU A 424 -7.15 -9.36 25.41
C LEU A 424 -6.78 -10.56 26.26
N THR A 425 -7.00 -10.46 27.56
CA THR A 425 -6.81 -11.59 28.48
C THR A 425 -8.00 -12.55 28.34
N ALA A 426 -7.90 -13.73 28.95
CA ALA A 426 -9.01 -14.68 28.94
C ALA A 426 -10.20 -14.09 29.69
N GLU A 427 -9.90 -13.36 30.76
CA GLU A 427 -10.92 -12.70 31.53
C GLU A 427 -11.68 -11.71 30.61
N ASP A 428 -10.92 -10.88 29.89
CA ASP A 428 -11.49 -9.93 28.93
C ASP A 428 -12.35 -10.62 27.87
N LYS A 429 -11.81 -11.71 27.30
CA LYS A 429 -12.51 -12.45 26.26
C LYS A 429 -13.83 -13.05 26.74
N GLU A 430 -13.78 -13.71 27.89
CA GLU A 430 -14.97 -14.36 28.45
C GLU A 430 -16.03 -13.33 28.75
N LEU A 431 -15.60 -12.13 29.12
CA LEU A 431 -16.50 -11.03 29.38
C LEU A 431 -17.19 -10.58 28.10
N LEU A 432 -16.39 -10.26 27.08
CA LEU A 432 -16.92 -9.86 25.76
C LEU A 432 -17.92 -10.86 25.20
N TRP A 433 -17.58 -12.14 25.28
CA TRP A 433 -18.41 -13.16 24.70
C TRP A 433 -19.72 -13.34 25.45
N HIS A 434 -19.65 -13.39 26.78
CA HIS A 434 -20.87 -13.53 27.58
C HIS A 434 -21.79 -12.37 27.39
N PHE A 435 -21.25 -11.16 27.41
CA PHE A 435 -22.05 -9.96 27.10
C PHE A 435 -21.95 -9.60 25.62
N ARG A 436 -22.19 -10.65 24.84
CA ARG A 436 -22.26 -10.66 23.40
C ARG A 436 -23.10 -9.52 22.84
N TYR A 437 -24.35 -9.42 23.28
CA TYR A 437 -25.30 -8.48 22.70
C TYR A 437 -25.16 -7.04 23.21
N GLU A 438 -24.48 -6.86 24.33
CA GLU A 438 -24.08 -5.52 24.73
C GLU A 438 -22.91 -5.07 23.88
N SER A 439 -21.96 -5.98 23.65
CA SER A 439 -20.80 -5.72 22.79
C SER A 439 -21.20 -5.43 21.33
N LEU A 440 -22.30 -6.02 20.88
CA LEU A 440 -22.80 -5.82 19.53
C LEU A 440 -23.28 -4.40 19.26
N LYS A 441 -23.63 -3.67 20.33
CA LYS A 441 -24.13 -2.30 20.19
C LYS A 441 -23.05 -1.31 19.79
N HIS A 442 -21.79 -1.67 20.02
CA HIS A 442 -20.66 -0.78 19.77
C HIS A 442 -19.83 -1.29 18.64
N PRO A 443 -19.96 -0.66 17.45
CA PRO A 443 -19.10 -1.00 16.32
C PRO A 443 -17.63 -1.16 16.68
N LYS A 444 -17.13 -0.35 17.60
CA LYS A 444 -15.72 -0.43 18.01
C LYS A 444 -15.33 -1.72 18.74
N ALA A 445 -16.31 -2.41 19.32
CA ALA A 445 -16.03 -3.68 20.01
C ALA A 445 -15.81 -4.84 19.03
N TYR A 446 -16.30 -4.70 17.80
CA TYR A 446 -16.40 -5.82 16.89
C TYR A 446 -15.10 -6.65 16.73
N PRO A 447 -13.94 -5.99 16.47
CA PRO A 447 -12.65 -6.68 16.42
C PRO A 447 -12.35 -7.50 17.66
N LYS A 448 -12.53 -6.90 18.83
CA LYS A 448 -12.27 -7.61 20.09
C LYS A 448 -13.32 -8.68 20.31
N LEU A 449 -14.55 -8.39 19.92
CA LEU A 449 -15.63 -9.32 20.16
C LEU A 449 -15.31 -10.57 19.41
N PHE A 450 -14.98 -10.43 18.14
CA PHE A 450 -14.66 -11.59 17.30
C PHE A 450 -13.31 -12.22 17.59
N SER A 451 -12.44 -11.50 18.29
CA SER A 451 -11.24 -12.09 18.88
C SER A 451 -11.53 -12.81 20.20
N SER A 452 -12.79 -12.85 20.62
CA SER A 452 -13.18 -13.58 21.83
C SER A 452 -13.87 -14.88 21.46
N VAL A 453 -14.18 -15.07 20.19
CA VAL A 453 -14.85 -16.27 19.74
C VAL A 453 -13.90 -17.46 19.70
N LYS A 454 -14.39 -18.59 20.20
CA LYS A 454 -13.66 -19.85 20.18
C LYS A 454 -14.00 -20.55 18.90
N TRP A 455 -13.15 -20.35 17.88
CA TRP A 455 -13.45 -20.79 16.52
C TRP A 455 -13.35 -22.30 16.31
N GLY A 456 -12.76 -23.01 17.27
CA GLY A 456 -12.66 -24.47 17.22
C GLY A 456 -13.82 -25.21 17.86
N GLN A 457 -15.02 -24.62 17.83
CA GLN A 457 -16.18 -25.18 18.52
C GLN A 457 -17.48 -24.87 17.76
N GLN A 458 -17.92 -25.82 16.94
CA GLN A 458 -19.08 -25.65 16.04
C GLN A 458 -20.22 -24.82 16.63
N GLU A 459 -20.69 -25.19 17.81
CA GLU A 459 -21.80 -24.49 18.46
C GLU A 459 -21.53 -23.00 18.68
N ILE A 460 -20.29 -22.68 19.06
CA ILE A 460 -19.88 -21.28 19.26
C ILE A 460 -19.97 -20.51 17.94
N VAL A 461 -19.32 -21.02 16.90
CA VAL A 461 -19.37 -20.37 15.60
C VAL A 461 -20.83 -20.21 15.16
N ALA A 462 -21.63 -21.23 15.44
CA ALA A 462 -23.08 -21.19 15.16
C ALA A 462 -23.70 -19.95 15.77
N LYS A 463 -23.38 -19.70 17.04
CA LYS A 463 -23.92 -18.57 17.77
C LYS A 463 -23.30 -17.28 17.29
N THR A 464 -22.07 -17.35 16.79
CA THR A 464 -21.39 -16.20 16.22
C THR A 464 -22.15 -15.72 14.97
N TYR A 465 -22.43 -16.66 14.07
CA TYR A 465 -23.19 -16.35 12.86
C TYR A 465 -24.61 -15.88 13.20
N GLN A 466 -25.20 -16.41 14.28
CA GLN A 466 -26.48 -15.89 14.78
C GLN A 466 -26.35 -14.42 15.13
N LEU A 467 -25.31 -14.09 15.87
CA LEU A 467 -25.03 -12.74 16.31
C LEU A 467 -24.76 -11.81 15.12
N LEU A 468 -24.15 -12.34 14.05
CA LEU A 468 -23.91 -11.59 12.82
C LEU A 468 -25.19 -11.26 12.04
N ALA A 469 -26.23 -12.09 12.19
CA ALA A 469 -27.51 -11.86 11.51
C ALA A 469 -28.27 -10.69 12.12
N ARG A 470 -28.00 -10.37 13.38
CA ARG A 470 -28.63 -9.25 14.07
C ARG A 470 -27.63 -8.08 14.18
N ARG A 471 -27.20 -7.53 13.06
CA ARG A 471 -26.23 -6.42 13.08
C ARG A 471 -26.80 -5.13 12.48
N GLU A 472 -27.93 -4.71 13.02
CA GLU A 472 -28.58 -3.46 12.59
C GLU A 472 -27.71 -2.25 12.90
N VAL A 473 -27.04 -2.23 14.05
CA VAL A 473 -26.19 -1.08 14.44
C VAL A 473 -24.96 -0.95 13.54
N TRP A 474 -24.34 -2.08 13.22
CA TRP A 474 -23.20 -2.13 12.31
C TRP A 474 -23.52 -1.51 10.96
N ASP A 475 -24.58 -2.02 10.34
CA ASP A 475 -25.02 -1.52 9.03
C ASP A 475 -25.39 -0.03 9.09
N GLN A 476 -25.96 0.40 10.20
CA GLN A 476 -26.32 1.82 10.39
C GLN A 476 -25.13 2.73 10.74
N SER A 477 -24.05 2.16 11.27
CA SER A 477 -22.89 2.97 11.73
C SER A 477 -22.23 3.76 10.61
N ALA A 478 -21.55 4.84 10.98
CA ALA A 478 -20.79 5.62 10.02
C ALA A 478 -19.47 4.92 9.74
N LEU A 479 -19.13 4.78 8.46
CA LEU A 479 -17.91 4.08 8.00
C LEU A 479 -16.66 4.55 8.75
N ASP A 480 -15.98 3.60 9.41
CA ASP A 480 -14.69 3.85 10.04
C ASP A 480 -13.68 2.91 9.37
N VAL A 481 -12.82 3.49 8.53
CA VAL A 481 -11.87 2.70 7.75
C VAL A 481 -10.92 2.00 8.70
N GLY A 482 -10.52 2.70 9.75
CA GLY A 482 -9.70 2.12 10.81
C GLY A 482 -10.28 0.82 11.35
N LEU A 483 -11.53 0.89 11.79
CA LEU A 483 -12.28 -0.29 12.25
C LEU A 483 -12.46 -1.31 11.14
N THR A 484 -12.80 -0.85 9.95
CA THR A 484 -12.94 -1.74 8.79
C THR A 484 -11.64 -2.45 8.43
N MET A 485 -10.52 -1.73 8.49
CA MET A 485 -9.23 -2.35 8.24
C MET A 485 -8.91 -3.48 9.23
N GLN A 486 -9.24 -3.31 10.52
CA GLN A 486 -8.81 -4.32 11.50
C GLN A 486 -9.43 -5.65 11.17
N LEU A 487 -10.69 -5.64 10.71
CA LEU A 487 -11.38 -6.89 10.41
C LEU A 487 -10.85 -7.60 9.15
N LEU A 488 -10.02 -6.92 8.34
CA LEU A 488 -9.41 -7.55 7.16
C LEU A 488 -7.96 -7.97 7.37
N ASP A 489 -7.44 -7.82 8.59
CA ASP A 489 -6.07 -8.16 8.90
C ASP A 489 -5.95 -9.65 9.21
N CYS A 490 -4.75 -10.05 9.62
CA CYS A 490 -4.39 -11.44 9.84
C CYS A 490 -5.08 -12.16 11.03
N ASN A 491 -5.76 -11.40 11.88
CA ASN A 491 -6.46 -11.92 13.07
C ASN A 491 -7.88 -12.38 12.78
N PHE A 492 -8.30 -12.38 11.52
CA PHE A 492 -9.66 -12.74 11.17
C PHE A 492 -9.66 -13.55 9.88
N SER A 493 -10.12 -14.80 9.95
CA SER A 493 -10.11 -15.70 8.78
C SER A 493 -11.50 -16.22 8.44
N ASP A 494 -12.51 -15.60 9.01
CA ASP A 494 -13.86 -16.04 8.81
C ASP A 494 -14.50 -15.18 7.74
N GLU A 495 -15.11 -15.80 6.75
CA GLU A 495 -15.72 -15.09 5.62
C GLU A 495 -16.75 -14.06 6.06
N ASN A 496 -17.58 -14.42 7.02
CA ASN A 496 -18.71 -13.58 7.39
C ASN A 496 -18.23 -12.37 8.20
N VAL A 497 -17.27 -12.59 9.09
CA VAL A 497 -16.60 -11.48 9.76
C VAL A 497 -15.96 -10.55 8.71
N ARG A 498 -15.20 -11.12 7.79
CA ARG A 498 -14.52 -10.33 6.78
C ARG A 498 -15.48 -9.68 5.77
N ALA A 499 -16.59 -10.36 5.47
CA ALA A 499 -17.58 -9.78 4.55
C ALA A 499 -18.23 -8.54 5.15
N ILE A 500 -18.43 -8.50 6.47
CA ILE A 500 -19.03 -7.32 7.08
C ILE A 500 -18.08 -6.14 6.96
N ALA A 501 -16.77 -6.42 6.90
CA ALA A 501 -15.82 -5.34 6.68
C ALA A 501 -15.93 -4.84 5.25
N VAL A 502 -15.90 -5.76 4.29
CA VAL A 502 -16.03 -5.39 2.88
C VAL A 502 -17.37 -4.69 2.58
N GLN A 503 -18.41 -5.00 3.36
CA GLN A 503 -19.67 -4.28 3.27
C GLN A 503 -19.42 -2.79 3.41
N LYS A 504 -18.72 -2.41 4.47
CA LYS A 504 -18.46 -1.01 4.76
C LYS A 504 -17.64 -0.32 3.68
N LEU A 505 -16.75 -1.08 3.05
CA LEU A 505 -15.91 -0.53 1.99
C LEU A 505 -16.74 -0.14 0.77
N GLU A 506 -17.86 -0.83 0.55
CA GLU A 506 -18.77 -0.53 -0.57
C GLU A 506 -19.17 0.94 -0.59
N SER A 507 -19.31 1.55 0.59
CA SER A 507 -19.79 2.94 0.66
C SER A 507 -18.74 4.00 0.34
N LEU A 508 -17.45 3.63 0.31
CA LEU A 508 -16.38 4.58 0.01
C LEU A 508 -16.51 5.18 -1.39
N GLU A 509 -16.41 6.50 -1.51
CA GLU A 509 -16.30 7.12 -2.86
C GLU A 509 -14.93 6.79 -3.47
N ASP A 510 -14.89 6.73 -4.80
CA ASP A 510 -13.67 6.37 -5.56
C ASP A 510 -12.38 7.04 -5.08
N ASP A 511 -12.48 8.30 -4.65
CA ASP A 511 -11.32 9.03 -4.17
C ASP A 511 -10.69 8.38 -2.93
N ASP A 512 -11.53 7.87 -2.04
CA ASP A 512 -11.04 7.19 -0.85
C ASP A 512 -10.56 5.76 -1.13
N VAL A 513 -11.09 5.09 -2.15
CA VAL A 513 -10.57 3.79 -2.53
C VAL A 513 -9.11 3.95 -2.93
N LEU A 514 -8.88 4.93 -3.79
CA LEU A 514 -7.53 5.29 -4.20
C LEU A 514 -6.59 5.50 -3.03
N HIS A 515 -7.09 6.08 -1.94
CA HIS A 515 -6.25 6.34 -0.78
C HIS A 515 -5.75 5.08 -0.14
N TYR A 516 -6.58 4.05 -0.15
CA TYR A 516 -6.31 2.80 0.59
C TYR A 516 -6.05 1.59 -0.32
N LEU A 517 -5.96 1.83 -1.62
CA LEU A 517 -5.96 0.74 -2.59
C LEU A 517 -4.80 -0.19 -2.35
N LEU A 518 -3.61 0.38 -2.20
CA LEU A 518 -2.40 -0.39 -1.96
C LEU A 518 -2.55 -1.33 -0.77
N GLN A 519 -3.12 -0.83 0.32
CA GLN A 519 -3.29 -1.66 1.48
C GLN A 519 -4.50 -2.59 1.42
N LEU A 520 -5.52 -2.25 0.66
CA LEU A 520 -6.58 -3.21 0.36
C LEU A 520 -6.00 -4.35 -0.46
N VAL A 521 -5.19 -4.04 -1.48
CA VAL A 521 -4.51 -5.07 -2.26
C VAL A 521 -3.66 -5.98 -1.34
N GLN A 522 -2.84 -5.40 -0.46
CA GLN A 522 -2.06 -6.21 0.46
C GLN A 522 -2.95 -7.02 1.45
N ALA A 523 -4.13 -6.50 1.77
CA ALA A 523 -5.08 -7.25 2.59
C ALA A 523 -5.46 -8.59 1.98
N VAL A 524 -5.35 -8.72 0.66
CA VAL A 524 -5.69 -9.97 0.00
C VAL A 524 -4.75 -11.11 0.43
N LYS A 525 -3.54 -10.76 0.89
CA LYS A 525 -2.61 -11.72 1.45
C LYS A 525 -3.11 -12.40 2.72
N PHE A 526 -4.14 -11.87 3.36
CA PHE A 526 -4.66 -12.42 4.62
C PHE A 526 -5.94 -13.18 4.42
N GLU A 527 -6.44 -13.18 3.20
CA GLU A 527 -7.62 -13.97 2.85
C GLU A 527 -7.26 -15.46 2.82
N PRO A 528 -8.04 -16.31 3.49
CA PRO A 528 -7.83 -17.74 3.40
C PRO A 528 -7.96 -18.34 1.99
N TYR A 529 -8.86 -17.78 1.18
CA TYR A 529 -9.27 -18.32 -0.13
C TYR A 529 -9.08 -17.34 -1.27
N HIS A 530 -8.75 -17.85 -2.45
CA HIS A 530 -8.46 -16.99 -3.61
C HIS A 530 -9.63 -16.16 -4.02
N ASP A 531 -10.84 -16.65 -3.78
CA ASP A 531 -12.05 -15.90 -4.05
C ASP A 531 -12.54 -15.30 -2.73
N SER A 532 -12.74 -13.99 -2.71
CA SER A 532 -13.22 -13.34 -1.52
C SER A 532 -13.98 -12.06 -1.82
N ALA A 533 -14.86 -11.68 -0.90
CA ALA A 533 -15.47 -10.36 -0.90
C ALA A 533 -14.44 -9.28 -1.26
N LEU A 534 -13.29 -9.31 -0.59
CA LEU A 534 -12.27 -8.29 -0.78
C LEU A 534 -11.72 -8.28 -2.19
N ALA A 535 -11.31 -9.44 -2.69
CA ALA A 535 -10.85 -9.55 -4.10
C ALA A 535 -11.91 -9.03 -5.07
N ARG A 536 -13.17 -9.43 -4.88
CA ARG A 536 -14.24 -9.00 -5.78
C ARG A 536 -14.55 -7.53 -5.62
N PHE A 537 -14.38 -7.01 -4.42
CA PHE A 537 -14.57 -5.59 -4.24
C PHE A 537 -13.51 -4.80 -5.00
N LEU A 538 -12.25 -5.25 -4.93
CA LEU A 538 -11.17 -4.61 -5.65
C LEU A 538 -11.46 -4.72 -7.15
N LEU A 539 -11.87 -5.92 -7.58
CA LEU A 539 -12.16 -6.19 -8.99
C LEU A 539 -13.17 -5.24 -9.57
N LYS A 540 -14.31 -5.08 -8.92
CA LYS A 540 -15.37 -4.28 -9.52
C LYS A 540 -15.04 -2.78 -9.43
N ARG A 541 -14.52 -2.35 -8.29
CA ARG A 541 -14.09 -0.95 -8.18
C ARG A 541 -12.98 -0.59 -9.19
N GLY A 542 -12.16 -1.57 -9.57
CA GLY A 542 -11.14 -1.34 -10.58
C GLY A 542 -11.70 -1.22 -12.00
N LEU A 543 -12.69 -2.05 -12.31
CA LEU A 543 -13.35 -1.99 -13.61
C LEU A 543 -14.32 -0.82 -13.72
N ARG A 544 -14.80 -0.30 -12.60
CA ARG A 544 -15.73 0.83 -12.63
C ARG A 544 -15.03 2.17 -12.90
N ASN A 545 -13.73 2.23 -12.64
CA ASN A 545 -12.94 3.47 -12.71
C ASN A 545 -11.53 3.21 -13.27
N LYS A 546 -11.16 3.90 -14.34
CA LYS A 546 -9.87 3.67 -15.01
C LYS A 546 -8.68 4.04 -14.16
N ARG A 547 -8.86 5.01 -13.26
CA ARG A 547 -7.77 5.43 -12.39
C ARG A 547 -7.49 4.37 -11.31
N ILE A 548 -8.54 3.92 -10.63
CA ILE A 548 -8.43 2.79 -9.72
C ILE A 548 -7.86 1.57 -10.46
N GLY A 549 -8.42 1.27 -11.62
CA GLY A 549 -7.97 0.12 -12.42
C GLY A 549 -6.50 0.20 -12.87
N HIS A 550 -6.07 1.38 -13.28
CA HIS A 550 -4.66 1.61 -13.61
C HIS A 550 -3.76 1.19 -12.49
N PHE A 551 -4.01 1.75 -11.31
CA PHE A 551 -3.15 1.50 -10.17
C PHE A 551 -3.33 0.09 -9.60
N LEU A 552 -4.56 -0.44 -9.67
CA LEU A 552 -4.81 -1.83 -9.32
C LEU A 552 -3.84 -2.71 -10.10
N PHE A 553 -3.83 -2.51 -11.42
CA PHE A 553 -2.94 -3.25 -12.32
C PHE A 553 -1.50 -3.23 -11.83
N TRP A 554 -0.94 -2.05 -11.56
CA TRP A 554 0.45 -1.99 -11.12
C TRP A 554 0.66 -2.58 -9.76
N PHE A 555 -0.28 -2.38 -8.85
CA PHE A 555 -0.12 -2.89 -7.49
C PHE A 555 -0.10 -4.40 -7.53
N LEU A 556 -1.07 -4.98 -8.24
CA LEU A 556 -1.12 -6.41 -8.42
C LEU A 556 0.16 -6.91 -9.09
N ARG A 557 0.62 -6.17 -10.09
CA ARG A 557 1.76 -6.61 -10.90
C ARG A 557 3.07 -6.57 -10.13
N SER A 558 3.24 -5.52 -9.33
CA SER A 558 4.36 -5.45 -8.39
C SER A 558 4.57 -6.74 -7.59
N GLU A 559 3.48 -7.28 -7.02
CA GLU A 559 3.52 -8.52 -6.23
C GLU A 559 3.77 -9.80 -7.04
N ILE A 560 3.09 -9.92 -8.19
CA ILE A 560 3.26 -11.11 -9.06
C ILE A 560 4.70 -11.23 -9.54
N ALA A 561 5.31 -10.09 -9.81
CA ALA A 561 6.67 -10.05 -10.30
C ALA A 561 7.70 -10.56 -9.30
N GLN A 562 7.41 -10.54 -8.01
CA GLN A 562 8.46 -10.84 -7.02
C GLN A 562 8.04 -11.56 -5.71
N SER A 563 6.79 -12.02 -5.64
CA SER A 563 6.35 -12.82 -4.52
C SER A 563 5.87 -14.16 -5.03
N ARG A 564 6.69 -15.19 -4.86
CA ARG A 564 6.24 -16.55 -5.12
C ARG A 564 5.13 -16.99 -4.15
N HIS A 565 5.07 -16.38 -2.98
CA HIS A 565 4.04 -16.75 -1.99
C HIS A 565 2.64 -16.38 -2.39
N TYR A 566 2.49 -15.34 -3.21
CA TYR A 566 1.14 -14.90 -3.62
C TYR A 566 0.93 -14.59 -5.12
N GLN A 567 1.93 -14.82 -5.97
CA GLN A 567 1.81 -14.48 -7.38
C GLN A 567 0.70 -15.21 -8.15
N GLN A 568 0.22 -16.33 -7.63
CA GLN A 568 -0.80 -17.08 -8.37
C GLN A 568 -2.16 -16.49 -8.12
N ARG A 569 -2.40 -16.11 -6.87
CA ARG A 569 -3.66 -15.49 -6.47
C ARG A 569 -3.86 -14.14 -7.13
N PHE A 570 -2.88 -13.27 -6.95
CA PHE A 570 -2.94 -11.96 -7.56
C PHE A 570 -3.07 -12.08 -9.07
N ALA A 571 -2.33 -13.03 -9.65
CA ALA A 571 -2.39 -13.32 -11.09
C ALA A 571 -3.80 -13.61 -11.57
N VAL A 572 -4.56 -14.38 -10.80
CA VAL A 572 -5.93 -14.69 -11.17
C VAL A 572 -6.81 -13.43 -11.10
N ILE A 573 -6.63 -12.64 -10.05
CA ILE A 573 -7.36 -11.39 -9.85
C ILE A 573 -7.00 -10.36 -10.93
N LEU A 574 -5.74 -10.37 -11.36
CA LEU A 574 -5.30 -9.42 -12.37
C LEU A 574 -5.96 -9.76 -13.70
N GLU A 575 -5.88 -11.03 -14.09
CA GLU A 575 -6.55 -11.51 -15.31
C GLU A 575 -8.02 -11.10 -15.32
N ALA A 576 -8.67 -11.32 -14.18
CA ALA A 576 -10.07 -10.93 -14.01
C ALA A 576 -10.29 -9.43 -14.23
N TYR A 577 -9.30 -8.60 -13.90
CA TYR A 577 -9.36 -7.18 -14.23
C TYR A 577 -9.19 -7.00 -15.73
N LEU A 578 -8.14 -7.61 -16.27
CA LEU A 578 -7.76 -7.36 -17.65
C LEU A 578 -8.88 -7.75 -18.62
N ARG A 579 -9.63 -8.79 -18.28
CA ARG A 579 -10.69 -9.28 -19.17
C ARG A 579 -11.93 -8.41 -19.20
N GLY A 580 -11.89 -7.25 -18.54
CA GLY A 580 -13.02 -6.33 -18.64
C GLY A 580 -12.66 -4.87 -18.56
N CYS A 581 -11.37 -4.54 -18.66
CA CYS A 581 -10.94 -3.14 -18.53
C CYS A 581 -11.23 -2.39 -19.83
N GLY A 582 -11.09 -3.07 -20.95
CA GLY A 582 -11.35 -2.48 -22.25
C GLY A 582 -10.12 -2.51 -23.13
N THR A 583 -10.36 -2.67 -24.43
CA THR A 583 -9.30 -2.76 -25.45
C THR A 583 -8.33 -1.59 -25.42
N ALA A 584 -8.84 -0.40 -25.08
CA ALA A 584 -8.00 0.78 -25.03
C ALA A 584 -6.96 0.68 -23.91
N MET A 585 -7.37 0.17 -22.74
CA MET A 585 -6.47 0.07 -21.60
C MET A 585 -5.48 -1.09 -21.77
N LEU A 586 -5.96 -2.21 -22.29
CA LEU A 586 -5.10 -3.33 -22.65
C LEU A 586 -3.95 -2.87 -23.52
N HIS A 587 -4.26 -1.95 -24.43
CA HIS A 587 -3.27 -1.39 -25.33
C HIS A 587 -2.33 -0.45 -24.60
N ASP A 588 -2.85 0.26 -23.60
CA ASP A 588 -2.02 1.15 -22.79
C ASP A 588 -1.08 0.37 -21.88
N PHE A 589 -1.62 -0.62 -21.17
CA PHE A 589 -0.77 -1.47 -20.33
C PHE A 589 0.33 -2.14 -21.14
N THR A 590 -0.05 -2.68 -22.30
CA THR A 590 0.90 -3.30 -23.22
C THR A 590 2.04 -2.35 -23.58
N GLN A 591 1.71 -1.11 -23.89
CA GLN A 591 2.71 -0.07 -24.12
C GLN A 591 3.62 0.15 -22.90
N GLN A 592 2.98 0.37 -21.76
CA GLN A 592 3.67 0.70 -20.53
C GLN A 592 4.62 -0.42 -20.15
N VAL A 593 4.17 -1.66 -20.29
CA VAL A 593 5.00 -2.82 -19.94
C VAL A 593 6.20 -2.87 -20.87
N GLN A 594 5.95 -2.72 -22.16
CA GLN A 594 7.01 -2.76 -23.17
C GLN A 594 8.07 -1.71 -22.87
N VAL A 595 7.65 -0.46 -22.73
CA VAL A 595 8.56 0.63 -22.42
C VAL A 595 9.44 0.36 -21.18
N ILE A 596 8.84 0.00 -20.04
CA ILE A 596 9.63 -0.16 -18.81
C ILE A 596 10.52 -1.41 -18.85
N GLU A 597 10.17 -2.39 -19.68
CA GLU A 597 11.03 -3.55 -19.89
C GLU A 597 12.31 -3.15 -20.64
N MET A 598 12.17 -2.30 -21.65
CA MET A 598 13.33 -1.74 -22.36
C MET A 598 14.21 -1.02 -21.37
N LEU A 599 13.61 -0.05 -20.68
CA LEU A 599 14.35 0.85 -19.80
C LEU A 599 15.01 0.10 -18.64
N GLN A 600 14.37 -0.98 -18.20
CA GLN A 600 14.92 -1.85 -17.16
C GLN A 600 16.20 -2.52 -17.64
N LYS A 601 16.20 -3.02 -18.88
CA LYS A 601 17.37 -3.69 -19.43
C LYS A 601 18.54 -2.74 -19.42
N VAL A 602 18.32 -1.54 -19.96
CA VAL A 602 19.35 -0.53 -20.04
C VAL A 602 19.90 -0.22 -18.66
N THR A 603 19.01 -0.10 -17.66
CA THR A 603 19.41 0.20 -16.29
C THR A 603 20.35 -0.85 -15.72
N LEU A 604 19.96 -2.12 -15.85
CA LEU A 604 20.75 -3.23 -15.32
C LEU A 604 22.13 -3.37 -15.96
N ASP A 605 22.15 -3.40 -17.30
CA ASP A 605 23.40 -3.54 -18.07
C ASP A 605 24.45 -2.49 -17.70
N ILE A 606 23.98 -1.27 -17.45
CA ILE A 606 24.86 -0.14 -17.15
C ILE A 606 25.36 -0.18 -15.71
N LYS A 607 24.61 -0.85 -14.84
CA LYS A 607 25.00 -0.97 -13.44
C LYS A 607 26.31 -1.75 -13.32
N SER A 608 26.43 -2.80 -14.14
CA SER A 608 27.62 -3.66 -14.18
C SER A 608 28.90 -2.92 -14.55
N LEU A 609 28.81 -1.98 -15.50
CA LEU A 609 29.99 -1.43 -16.15
C LEU A 609 30.88 -0.52 -15.27
N SER A 610 30.68 -0.54 -13.95
CA SER A 610 31.53 0.20 -13.02
C SER A 610 31.74 -0.56 -11.70
N ALA A 611 32.84 -0.25 -11.02
CA ALA A 611 33.21 -0.90 -9.76
C ALA A 611 33.38 0.13 -8.64
N VAL A 616 32.79 6.23 -10.10
CA VAL A 616 31.60 6.34 -10.95
C VAL A 616 31.90 7.16 -12.19
N SER A 617 32.47 6.52 -13.21
CA SER A 617 33.08 7.22 -14.34
C SER A 617 32.08 7.98 -15.19
N SER A 618 32.58 8.96 -15.93
CA SER A 618 31.80 9.75 -16.87
C SER A 618 32.06 9.35 -18.33
N GLN A 619 32.95 8.37 -18.53
CA GLN A 619 33.19 7.83 -19.86
C GLN A 619 32.01 6.94 -20.28
N VAL A 620 31.40 6.28 -19.29
CA VAL A 620 30.17 5.50 -19.48
C VAL A 620 28.97 6.35 -19.91
N ILE A 621 28.96 7.64 -19.55
CA ILE A 621 27.89 8.58 -19.93
C ILE A 621 27.52 8.50 -21.42
N SER A 622 28.54 8.37 -22.26
CA SER A 622 28.35 8.20 -23.69
C SER A 622 27.80 6.82 -24.01
N GLN A 623 28.38 5.78 -23.39
CA GLN A 623 27.87 4.41 -23.53
C GLN A 623 26.37 4.35 -23.15
N LEU A 624 25.98 5.10 -22.12
CA LEU A 624 24.57 5.19 -21.72
C LEU A 624 23.76 5.86 -22.84
N LYS A 625 24.13 7.10 -23.14
CA LYS A 625 23.46 7.87 -24.19
C LYS A 625 23.50 7.19 -25.56
N GLN A 626 24.41 6.25 -25.74
CA GLN A 626 24.44 5.36 -26.90
C GLN A 626 23.19 4.48 -26.92
N LYS A 627 23.04 3.66 -25.89
CA LYS A 627 21.91 2.73 -25.77
C LYS A 627 20.58 3.45 -25.84
N LEU A 628 20.48 4.57 -25.13
CA LEU A 628 19.28 5.40 -25.13
C LEU A 628 18.95 5.92 -26.54
N GLU A 629 19.93 6.51 -27.21
CA GLU A 629 19.76 6.93 -28.61
C GLU A 629 19.39 5.75 -29.50
N ASN A 630 20.09 4.63 -29.34
CA ASN A 630 19.81 3.45 -30.15
C ASN A 630 18.58 2.63 -29.70
N LEU A 631 17.84 3.15 -28.73
CA LEU A 631 16.51 2.61 -28.40
C LEU A 631 15.38 3.57 -28.77
N GLN A 632 15.75 4.73 -29.32
CA GLN A 632 14.78 5.75 -29.72
C GLN A 632 13.87 5.29 -30.86
N ASN A 633 14.40 4.47 -31.77
CA ASN A 633 13.66 4.02 -32.95
C ASN A 633 12.98 2.65 -32.79
N SER A 634 13.71 1.66 -32.27
CA SER A 634 13.14 0.34 -31.96
C SER A 634 13.42 -0.06 -30.51
N GLN A 635 12.38 -0.36 -29.71
CA GLN A 635 10.97 -0.34 -30.11
C GLN A 635 10.19 0.64 -29.22
N LEU A 636 10.85 1.71 -28.80
CA LEU A 636 10.23 2.70 -27.90
C LEU A 636 9.13 3.45 -28.65
N PRO A 637 7.88 3.32 -28.18
CA PRO A 637 6.79 3.94 -28.92
C PRO A 637 6.80 5.45 -28.78
N GLU A 638 5.98 6.11 -29.59
CA GLU A 638 6.00 7.55 -29.64
C GLU A 638 5.19 8.19 -28.51
N SER A 639 4.57 7.37 -27.67
CA SER A 639 3.85 7.85 -26.50
C SER A 639 3.57 6.71 -25.51
N PHE A 640 3.61 7.01 -24.21
CA PHE A 640 3.19 6.05 -23.19
C PHE A 640 2.80 6.72 -21.87
N ARG A 641 1.78 6.18 -21.20
CA ARG A 641 1.38 6.71 -19.90
C ARG A 641 2.43 6.51 -18.83
N VAL A 642 2.67 7.55 -18.07
CA VAL A 642 3.53 7.48 -16.90
C VAL A 642 2.79 6.59 -15.92
N PRO A 643 3.37 5.43 -15.57
CA PRO A 643 2.66 4.52 -14.66
C PRO A 643 2.29 5.11 -13.30
N TYR A 644 3.10 6.01 -12.76
CA TYR A 644 2.81 6.61 -11.44
C TYR A 644 1.88 7.81 -11.52
N ASP A 645 1.63 8.32 -12.71
CA ASP A 645 0.71 9.43 -12.92
C ASP A 645 0.06 9.21 -14.27
N PRO A 646 -1.04 8.44 -14.30
CA PRO A 646 -1.67 8.09 -15.56
C PRO A 646 -2.31 9.28 -16.29
N GLY A 647 -2.28 10.47 -15.71
CA GLY A 647 -2.57 11.68 -16.48
C GLY A 647 -1.55 11.85 -17.61
N LEU A 648 -0.29 12.02 -17.24
CA LEU A 648 0.78 12.34 -18.17
C LEU A 648 1.09 11.21 -19.15
N LYS A 649 0.99 11.52 -20.44
CA LYS A 649 1.62 10.72 -21.49
C LYS A 649 3.04 11.23 -21.72
N ALA A 650 3.96 10.32 -21.99
CA ALA A 650 5.34 10.67 -22.29
C ALA A 650 5.71 10.17 -23.67
N GLY A 651 6.33 11.05 -24.45
CA GLY A 651 6.78 10.72 -25.79
C GLY A 651 8.29 10.57 -25.87
N ALA A 652 8.93 11.44 -26.65
CA ALA A 652 10.34 11.29 -26.99
C ALA A 652 11.22 11.54 -25.78
N LEU A 653 12.36 10.85 -25.71
CA LEU A 653 13.34 11.09 -24.65
C LEU A 653 13.96 12.48 -24.76
N ALA A 654 14.85 12.79 -23.83
CA ALA A 654 15.72 13.95 -23.89
C ALA A 654 17.10 13.44 -23.50
N ILE A 655 17.76 12.81 -24.47
CA ILE A 655 18.99 12.06 -24.21
C ILE A 655 20.09 12.96 -23.64
N GLU A 656 19.98 14.26 -23.93
CA GLU A 656 20.89 15.27 -23.39
C GLU A 656 20.86 15.30 -21.86
N LYS A 657 19.65 15.19 -21.30
CA LYS A 657 19.41 15.38 -19.87
C LYS A 657 19.52 14.10 -19.03
N CYS A 658 19.60 12.94 -19.69
CA CYS A 658 19.61 11.66 -18.99
C CYS A 658 20.99 11.33 -18.41
N LYS A 659 21.03 10.91 -17.15
CA LYS A 659 22.29 10.63 -16.45
C LYS A 659 22.22 9.45 -15.48
N VAL A 660 23.36 9.08 -14.93
CA VAL A 660 23.48 8.07 -13.88
C VAL A 660 24.12 8.74 -12.66
N MET A 661 23.82 8.26 -11.45
CA MET A 661 24.34 8.92 -10.24
C MET A 661 25.74 8.46 -9.86
N ALA A 662 26.52 9.38 -9.30
CA ALA A 662 27.72 9.03 -8.53
C ALA A 662 27.27 8.27 -7.29
N SER A 663 27.05 6.97 -7.48
CA SER A 663 26.31 6.16 -6.51
C SER A 663 26.94 4.79 -6.36
N LYS A 664 26.27 3.91 -5.61
CA LYS A 664 26.65 2.51 -5.52
C LYS A 664 25.64 1.61 -6.21
N LYS A 665 24.56 2.20 -6.71
CA LYS A 665 23.47 1.45 -7.34
C LYS A 665 23.08 1.99 -8.74
N LYS A 666 23.74 3.06 -9.17
CA LYS A 666 23.62 3.58 -10.53
C LYS A 666 22.18 3.58 -11.06
N PRO A 667 21.32 4.45 -10.50
CA PRO A 667 19.98 4.64 -11.04
C PRO A 667 19.96 5.54 -12.28
N LEU A 668 19.12 5.22 -13.26
CA LEU A 668 18.96 6.08 -14.44
C LEU A 668 18.08 7.29 -14.15
N TRP A 669 18.66 8.48 -14.20
CA TRP A 669 17.88 9.70 -14.25
C TRP A 669 17.46 9.91 -15.69
N LEU A 670 16.18 9.75 -16.00
CA LEU A 670 15.69 9.97 -17.37
C LEU A 670 14.67 11.10 -17.45
N GLU A 671 14.59 11.76 -18.61
CA GLU A 671 13.58 12.79 -18.84
C GLU A 671 12.99 12.63 -20.24
N PHE A 672 11.69 12.81 -20.36
CA PHE A 672 10.99 12.68 -21.64
C PHE A 672 10.24 13.97 -21.96
N LYS A 673 9.90 14.12 -23.24
CA LYS A 673 9.02 15.16 -23.69
C LYS A 673 7.60 14.64 -23.54
N CYS A 674 6.68 15.55 -23.19
CA CYS A 674 5.28 15.21 -23.10
C CYS A 674 4.72 15.10 -24.50
N ALA A 675 4.13 13.95 -24.80
CA ALA A 675 3.57 13.68 -26.14
C ALA A 675 2.36 14.54 -26.48
N ASP A 676 1.81 15.25 -25.49
CA ASP A 676 0.63 16.07 -25.71
C ASP A 676 0.99 17.43 -26.30
N PRO A 677 0.51 17.71 -27.52
CA PRO A 677 0.80 19.02 -28.13
C PRO A 677 0.13 20.17 -27.39
N THR A 678 -1.08 19.95 -26.91
CA THR A 678 -1.82 20.97 -26.16
C THR A 678 -1.18 21.27 -24.80
N ALA A 679 -0.07 20.60 -24.47
CA ALA A 679 0.67 20.87 -23.24
C ALA A 679 1.20 22.29 -23.24
N LEU A 680 0.68 23.11 -22.34
CA LEU A 680 1.04 24.53 -22.28
C LEU A 680 2.26 24.75 -21.38
N SER A 681 3.32 23.99 -21.63
CA SER A 681 4.54 24.11 -20.85
C SER A 681 5.70 23.42 -21.56
N ASN A 682 6.89 23.64 -21.01
CA ASN A 682 8.13 23.12 -21.56
C ASN A 682 8.76 22.06 -20.64
N GLU A 683 8.14 21.82 -19.48
CA GLU A 683 8.70 20.92 -18.48
C GLU A 683 8.72 19.48 -19.00
N THR A 684 9.85 18.81 -18.80
CA THR A 684 9.96 17.41 -19.16
C THR A 684 9.29 16.59 -18.06
N ILE A 685 8.97 15.35 -18.42
CA ILE A 685 8.51 14.34 -17.47
C ILE A 685 9.74 13.56 -17.03
N GLY A 686 10.05 13.59 -15.73
CA GLY A 686 11.25 12.95 -15.20
C GLY A 686 10.96 11.63 -14.55
N ILE A 687 11.82 10.64 -14.78
CA ILE A 687 11.69 9.33 -14.13
C ILE A 687 13.06 8.77 -13.77
N ILE A 688 13.18 8.25 -12.56
CA ILE A 688 14.41 7.59 -12.11
C ILE A 688 14.14 6.10 -12.08
N PHE A 689 14.94 5.33 -12.82
CA PHE A 689 14.90 3.86 -12.72
C PHE A 689 16.03 3.35 -11.86
N LYS A 690 15.69 2.61 -10.79
CA LYS A 690 16.71 2.11 -9.87
C LYS A 690 16.58 0.61 -9.64
N HIS A 691 17.72 -0.07 -9.57
CA HIS A 691 17.83 -1.45 -9.06
C HIS A 691 18.71 -1.43 -7.85
N GLY A 692 18.44 -2.34 -6.90
CA GLY A 692 19.22 -2.39 -5.66
C GLY A 692 18.38 -2.36 -4.41
N ASP A 693 17.45 -1.39 -4.32
CA ASP A 693 16.48 -1.29 -3.22
C ASP A 693 15.18 -1.99 -3.58
N ASP A 694 14.48 -2.51 -2.56
CA ASP A 694 13.13 -3.05 -2.76
C ASP A 694 12.10 -1.94 -2.53
N LEU A 695 11.46 -1.51 -3.63
CA LEU A 695 10.60 -0.34 -3.64
C LEU A 695 9.16 -0.64 -3.23
N ARG A 696 8.90 -1.86 -2.79
CA ARG A 696 7.60 -2.18 -2.26
C ARG A 696 7.46 -1.61 -0.85
N GLN A 697 8.59 -1.35 -0.22
CA GLN A 697 8.62 -0.68 1.07
C GLN A 697 8.42 0.82 0.88
N ASP A 698 9.04 1.38 -0.17
CA ASP A 698 8.85 2.79 -0.48
C ASP A 698 7.40 3.11 -0.89
N MET A 699 6.76 2.21 -1.64
CA MET A 699 5.34 2.37 -1.98
C MET A 699 4.47 2.48 -0.74
N LEU A 700 4.66 1.55 0.18
CA LEU A 700 3.85 1.51 1.39
C LEU A 700 4.03 2.78 2.20
N ILE A 701 5.28 3.16 2.48
CA ILE A 701 5.57 4.37 3.26
C ILE A 701 4.96 5.62 2.61
N LEU A 702 5.17 5.75 1.31
CA LEU A 702 4.67 6.89 0.55
C LEU A 702 3.13 6.94 0.58
N GLN A 703 2.51 5.77 0.52
CA GLN A 703 1.05 5.72 0.57
C GLN A 703 0.53 6.09 1.96
N ILE A 704 1.24 5.64 3.00
CA ILE A 704 0.91 6.09 4.34
C ILE A 704 1.05 7.61 4.45
N LEU A 705 1.99 8.20 3.70
CA LEU A 705 2.19 9.65 3.75
C LEU A 705 1.01 10.42 3.17
N ARG A 706 0.56 9.99 1.99
CA ARG A 706 -0.66 10.55 1.41
C ARG A 706 -1.85 10.37 2.34
N ILE A 707 -1.88 9.29 3.10
CA ILE A 707 -2.97 9.07 4.04
C ILE A 707 -2.91 10.11 5.15
N MET A 708 -1.71 10.45 5.57
CA MET A 708 -1.48 11.42 6.65
C MET A 708 -1.87 12.81 6.18
N GLU A 709 -1.57 13.12 4.93
CA GLU A 709 -1.98 14.38 4.34
C GLU A 709 -3.49 14.52 4.42
N SER A 710 -4.21 13.55 3.86
CA SER A 710 -5.67 13.60 3.86
C SER A 710 -6.22 13.69 5.29
N ILE A 711 -5.53 13.08 6.25
CA ILE A 711 -5.94 13.20 7.65
C ILE A 711 -5.90 14.67 8.05
N TRP A 712 -4.74 15.27 7.87
CA TRP A 712 -4.56 16.68 8.17
C TRP A 712 -5.54 17.57 7.47
N GLU A 713 -5.92 17.22 6.24
CA GLU A 713 -6.95 17.94 5.50
C GLU A 713 -8.25 18.02 6.30
N THR A 714 -8.59 16.97 7.05
CA THR A 714 -9.82 16.97 7.88
C THR A 714 -9.73 17.97 9.03
N GLU A 715 -8.52 18.38 9.38
CA GLU A 715 -8.29 19.39 10.40
C GLU A 715 -7.63 20.64 9.81
N SER A 716 -8.05 21.01 8.60
CA SER A 716 -7.62 22.26 7.97
C SER A 716 -6.10 22.49 8.06
N LEU A 717 -5.33 21.41 8.09
CA LEU A 717 -3.89 21.46 8.22
C LEU A 717 -3.26 21.01 6.92
N ASP A 718 -2.12 21.62 6.61
CA ASP A 718 -1.39 21.33 5.41
C ASP A 718 0.06 21.41 5.85
N LEU A 719 0.85 20.40 5.49
CA LEU A 719 2.27 20.38 5.83
C LEU A 719 3.12 20.11 4.61
N CYS A 720 2.57 20.43 3.44
CA CYS A 720 3.32 20.40 2.17
C CYS A 720 4.28 19.21 2.07
N LEU A 721 3.82 18.03 2.45
CA LEU A 721 4.62 16.82 2.29
C LEU A 721 4.84 16.65 0.80
N LEU A 722 5.93 15.99 0.43
CA LEU A 722 6.13 15.60 -0.94
C LEU A 722 6.29 14.08 -1.04
N PRO A 723 5.15 13.37 -1.20
CA PRO A 723 5.11 11.93 -1.37
C PRO A 723 5.11 11.59 -2.85
N TYR A 724 6.31 11.54 -3.42
CA TYR A 724 6.49 11.38 -4.86
C TYR A 724 5.98 10.03 -5.35
N GLY A 725 5.66 9.96 -6.64
CA GLY A 725 5.26 8.70 -7.25
C GLY A 725 6.39 7.70 -7.14
N CYS A 726 6.04 6.44 -6.90
CA CYS A 726 7.03 5.37 -6.86
C CYS A 726 6.33 4.05 -7.08
N ILE A 727 6.72 3.30 -8.09
CA ILE A 727 6.10 2.03 -8.40
C ILE A 727 7.15 0.93 -8.51
N SER A 728 7.00 -0.12 -7.70
CA SER A 728 7.80 -1.32 -7.84
C SER A 728 7.35 -2.03 -9.11
N THR A 729 8.30 -2.65 -9.80
CA THR A 729 8.04 -3.31 -11.08
C THR A 729 8.64 -4.72 -11.15
N GLY A 730 9.60 -5.03 -10.27
CA GLY A 730 10.23 -6.35 -10.25
C GLY A 730 11.20 -6.52 -9.09
N ASP A 731 11.95 -7.63 -9.12
CA ASP A 731 12.92 -7.96 -8.06
C ASP A 731 13.94 -6.84 -7.87
N LYS A 732 13.87 -6.16 -6.73
CA LYS A 732 14.71 -5.01 -6.42
C LYS A 732 14.80 -3.98 -7.56
N ILE A 733 13.67 -3.67 -8.20
CA ILE A 733 13.68 -2.74 -9.34
C ILE A 733 12.34 -1.99 -9.54
N GLY A 734 12.42 -0.70 -9.84
CA GLY A 734 11.22 0.13 -10.04
C GLY A 734 11.50 1.54 -10.49
N MET A 735 10.43 2.33 -10.63
CA MET A 735 10.55 3.73 -11.04
C MET A 735 10.18 4.70 -9.92
N ILE A 736 10.73 5.91 -10.02
CA ILE A 736 10.46 6.99 -9.08
C ILE A 736 10.19 8.27 -9.85
N GLU A 737 9.19 9.03 -9.44
CA GLU A 737 8.91 10.33 -10.05
C GLU A 737 10.00 11.31 -9.67
N ILE A 738 10.51 12.05 -10.66
CA ILE A 738 11.54 13.05 -10.41
C ILE A 738 10.90 14.30 -9.85
N VAL A 739 11.35 14.73 -8.68
CA VAL A 739 10.94 16.03 -8.13
C VAL A 739 11.93 17.06 -8.64
N LYS A 740 11.42 18.05 -9.38
CA LYS A 740 12.27 19.01 -10.08
C LYS A 740 12.90 20.02 -9.12
N ASP A 741 14.02 20.59 -9.54
CA ASP A 741 14.64 21.71 -8.84
C ASP A 741 15.08 21.36 -7.41
N ALA A 742 15.44 20.11 -7.18
CA ALA A 742 15.69 19.63 -5.83
C ALA A 742 17.09 19.07 -5.69
N THR A 743 17.59 19.10 -4.45
CA THR A 743 18.92 18.59 -4.14
C THR A 743 18.94 18.07 -2.70
N THR A 744 19.94 17.24 -2.40
CA THR A 744 20.05 16.64 -1.09
C THR A 744 20.69 17.62 -0.14
N ILE A 745 20.40 17.46 1.15
CA ILE A 745 20.99 18.28 2.20
C ILE A 745 22.51 18.12 2.28
N ALA A 746 23.00 16.93 1.92
CA ALA A 746 24.44 16.64 1.94
C ALA A 746 25.21 17.45 0.89
N LYS A 747 24.72 17.43 -0.36
CA LYS A 747 25.35 18.16 -1.46
C LYS A 747 25.41 19.68 -1.19
N ILE A 748 24.40 20.21 -0.49
CA ILE A 748 24.43 21.62 -0.09
C ILE A 748 25.58 21.87 0.89
N GLN A 749 25.87 20.88 1.73
CA GLN A 749 27.02 20.95 2.64
C GLN A 749 28.35 20.69 1.90
N GLN A 750 28.36 19.71 0.99
CA GLN A 750 29.59 19.30 0.28
C GLN A 750 30.11 20.34 -0.72
N SER A 751 29.22 21.20 -1.22
CA SER A 751 29.62 22.28 -2.13
C SER A 751 30.38 23.39 -1.39
N THR A 752 29.83 23.82 -0.25
CA THR A 752 30.33 24.98 0.50
C THR A 752 31.24 24.63 1.69
N VAL A 753 31.50 23.34 1.93
CA VAL A 753 32.39 22.91 3.03
C VAL A 753 33.21 21.65 2.71
N GLY A 754 32.55 20.63 2.14
CA GLY A 754 33.21 19.39 1.74
C GLY A 754 33.39 18.40 2.88
N ALA A 758 32.54 17.08 8.20
CA ALA A 758 32.71 18.46 7.81
C ALA A 758 31.33 19.08 7.57
N PHE A 759 30.80 19.81 8.55
CA PHE A 759 29.48 20.46 8.45
C PHE A 759 29.46 21.91 8.98
N LYS A 760 28.55 22.73 8.44
CA LYS A 760 28.36 24.12 8.87
C LYS A 760 26.88 24.53 8.84
N ASP A 761 26.50 25.41 9.77
CA ASP A 761 25.10 25.80 9.95
C ASP A 761 24.53 26.67 8.82
N GLU A 762 25.17 27.79 8.55
CA GLU A 762 24.61 28.81 7.64
C GLU A 762 24.14 28.25 6.29
N VAL A 763 24.93 27.35 5.72
CA VAL A 763 24.87 27.04 4.29
C VAL A 763 23.46 27.04 3.70
N LEU A 764 22.55 26.30 4.34
CA LEU A 764 21.20 26.11 3.78
C LEU A 764 20.50 27.42 3.46
N ASN A 765 20.60 28.39 4.37
CA ASN A 765 19.86 29.65 4.18
C ASN A 765 20.30 30.44 2.95
N HIS A 766 21.60 30.55 2.69
CA HIS A 766 22.02 31.24 1.46
C HIS A 766 22.10 30.34 0.24
N TRP A 767 21.88 29.04 0.41
CA TRP A 767 21.55 28.17 -0.72
C TRP A 767 20.15 28.48 -1.16
N LEU A 768 19.27 28.66 -0.18
CA LEU A 768 17.91 29.09 -0.44
C LEU A 768 17.91 30.47 -1.07
N LYS A 769 18.48 31.44 -0.35
CA LYS A 769 18.47 32.82 -0.79
C LYS A 769 19.07 32.98 -2.19
N GLU A 770 20.14 32.24 -2.50
CA GLU A 770 20.74 32.32 -3.85
C GLU A 770 19.82 31.75 -4.94
N LYS A 771 19.03 30.74 -4.58
CA LYS A 771 18.07 30.15 -5.51
C LYS A 771 16.71 30.87 -5.49
N SER A 772 16.55 31.83 -4.56
CA SER A 772 15.38 32.72 -4.54
C SER A 772 15.67 33.97 -5.36
N PRO A 773 14.88 34.22 -6.42
CA PRO A 773 15.19 35.36 -7.29
C PRO A 773 14.91 36.70 -6.62
N THR A 774 13.77 36.81 -5.94
CA THR A 774 13.36 38.04 -5.26
C THR A 774 13.05 37.73 -3.80
N GLU A 775 13.56 38.55 -2.88
CA GLU A 775 13.26 38.40 -1.44
C GLU A 775 11.79 38.06 -1.20
N GLU A 776 10.91 38.65 -2.01
CA GLU A 776 9.49 38.27 -2.05
C GLU A 776 9.32 36.76 -1.89
N LYS A 777 9.83 36.03 -2.88
CA LYS A 777 9.67 34.58 -2.94
C LYS A 777 10.44 33.87 -1.82
N PHE A 778 11.69 34.26 -1.60
CA PHE A 778 12.51 33.69 -0.50
C PHE A 778 11.76 33.47 0.81
N GLN A 779 10.90 34.41 1.20
CA GLN A 779 10.13 34.24 2.44
C GLN A 779 9.05 33.17 2.26
N ALA A 780 8.50 33.06 1.05
CA ALA A 780 7.60 31.95 0.72
C ALA A 780 8.33 30.61 0.83
N ALA A 781 9.64 30.62 0.59
CA ALA A 781 10.47 29.42 0.70
C ALA A 781 10.73 29.00 2.15
N VAL A 782 11.14 29.93 3.00
CA VAL A 782 11.41 29.62 4.41
C VAL A 782 10.12 29.29 5.16
N GLU A 783 9.00 29.83 4.68
CA GLU A 783 7.68 29.46 5.22
C GLU A 783 7.38 28.01 4.85
N ARG A 784 7.58 27.69 3.57
CA ARG A 784 7.43 26.32 3.08
C ARG A 784 8.30 25.34 3.86
N PHE A 785 9.51 25.76 4.22
CA PHE A 785 10.46 24.92 4.94
C PHE A 785 10.00 24.55 6.34
N VAL A 786 9.29 25.47 6.99
CA VAL A 786 8.81 25.23 8.35
C VAL A 786 7.65 24.23 8.34
N TYR A 787 6.75 24.40 7.38
CA TYR A 787 5.65 23.45 7.17
C TYR A 787 6.24 22.07 6.84
N SER A 788 7.00 22.01 5.74
CA SER A 788 7.59 20.76 5.29
C SER A 788 8.36 20.05 6.39
N CYS A 789 9.25 20.79 7.05
CA CYS A 789 10.10 20.18 8.08
C CYS A 789 9.27 19.55 9.19
N ALA A 790 8.25 20.27 9.63
CA ALA A 790 7.41 19.81 10.74
C ALA A 790 6.69 18.52 10.34
N GLY A 791 6.12 18.53 9.14
CA GLY A 791 5.40 17.36 8.62
C GLY A 791 6.25 16.11 8.64
N TYR A 792 7.43 16.20 8.04
CA TYR A 792 8.34 15.06 7.99
C TYR A 792 8.89 14.64 9.37
N CYS A 793 8.95 15.57 10.31
CA CYS A 793 9.32 15.22 11.68
C CYS A 793 8.19 14.47 12.34
N VAL A 794 6.97 14.98 12.19
CA VAL A 794 5.78 14.30 12.72
C VAL A 794 5.67 12.89 12.16
N ALA A 795 5.61 12.80 10.84
CA ALA A 795 5.41 11.53 10.13
C ALA A 795 6.47 10.50 10.42
N THR A 796 7.73 10.93 10.49
CA THR A 796 8.81 9.96 10.62
C THR A 796 8.94 9.45 12.05
N PHE A 797 8.64 10.31 13.02
CA PHE A 797 8.63 9.86 14.41
C PHE A 797 7.61 8.75 14.54
N VAL A 798 6.38 9.04 14.11
CA VAL A 798 5.27 8.08 14.16
C VAL A 798 5.62 6.74 13.52
N LEU A 799 6.14 6.79 12.29
CA LEU A 799 6.49 5.57 11.57
C LEU A 799 7.81 4.99 12.03
N GLY A 800 8.57 5.70 12.87
CA GLY A 800 9.82 5.19 13.41
C GLY A 800 10.92 5.11 12.37
N ILE A 801 10.88 5.97 11.36
CA ILE A 801 11.93 6.06 10.33
C ILE A 801 12.53 7.48 10.29
N GLY A 802 12.63 8.11 11.46
CA GLY A 802 13.07 9.50 11.59
C GLY A 802 14.58 9.73 11.67
N ASP A 803 15.30 8.76 12.23
CA ASP A 803 16.75 8.85 12.34
C ASP A 803 17.39 8.51 11.00
N ARG A 804 17.41 9.49 10.10
CA ARG A 804 17.97 9.33 8.76
C ARG A 804 19.25 10.13 8.53
N HIS A 805 20.02 9.68 7.56
CA HIS A 805 21.33 10.18 7.26
C HIS A 805 21.19 11.19 6.15
N ASN A 806 21.56 12.44 6.43
CA ASN A 806 21.16 13.63 5.61
C ASN A 806 21.37 13.62 4.09
N ASP A 807 22.04 12.60 3.55
CA ASP A 807 22.08 12.39 2.10
C ASP A 807 20.78 11.75 1.58
N ASN A 808 19.90 11.35 2.50
CA ASN A 808 18.57 10.86 2.17
C ASN A 808 17.46 11.88 2.41
N ILE A 809 17.80 13.16 2.61
CA ILE A 809 16.79 14.21 2.76
C ILE A 809 17.00 15.30 1.73
N MET A 810 15.91 15.73 1.08
CA MET A 810 15.99 16.62 -0.06
C MET A 810 15.23 17.90 0.17
N ILE A 811 15.58 18.91 -0.63
CA ILE A 811 14.93 20.23 -0.59
C ILE A 811 14.81 20.78 -2.00
N THR A 812 13.65 21.37 -2.32
CA THR A 812 13.44 22.00 -3.62
C THR A 812 14.00 23.41 -3.57
N GLU A 813 14.06 24.06 -4.73
CA GLU A 813 14.49 25.46 -4.77
C GLU A 813 13.42 26.42 -4.24
N THR A 814 12.20 25.93 -4.00
CA THR A 814 11.16 26.74 -3.36
C THR A 814 10.93 26.38 -1.89
N GLY A 815 11.91 25.72 -1.27
CA GLY A 815 11.92 25.48 0.18
C GLY A 815 11.34 24.17 0.68
N ASN A 816 10.62 23.44 -0.18
CA ASN A 816 9.93 22.20 0.21
C ASN A 816 10.92 21.07 0.55
N LEU A 817 10.94 20.67 1.81
CA LEU A 817 11.79 19.58 2.28
C LEU A 817 11.10 18.23 2.07
N PHE A 818 11.86 17.17 1.75
CA PHE A 818 11.29 15.81 1.67
C PHE A 818 12.32 14.68 1.81
N HIS A 819 11.98 13.69 2.63
CA HIS A 819 12.79 12.46 2.75
C HIS A 819 12.68 11.59 1.51
N ILE A 820 13.66 10.71 1.34
CA ILE A 820 13.69 9.80 0.21
C ILE A 820 14.31 8.48 0.62
N ASP A 821 14.46 7.57 -0.33
CA ASP A 821 15.04 6.24 -0.15
C ASP A 821 14.63 5.57 1.16
N PHE A 822 13.32 5.39 1.32
CA PHE A 822 12.74 4.73 2.49
C PHE A 822 12.95 3.22 2.50
N GLY A 823 13.47 2.67 1.41
CA GLY A 823 13.69 1.22 1.32
C GLY A 823 14.71 0.62 2.26
N HIS A 824 15.36 1.45 3.08
CA HIS A 824 16.40 0.98 4.00
C HIS A 824 15.83 0.41 5.29
N LYS A 837 24.81 2.20 19.34
CA LYS A 837 25.11 3.64 19.33
C LYS A 837 23.93 4.43 19.91
N GLU A 838 24.10 5.74 20.04
CA GLU A 838 23.01 6.60 20.55
C GLU A 838 22.38 7.42 19.41
N ARG A 839 21.09 7.67 19.57
CA ARG A 839 20.20 7.97 18.45
C ARG A 839 19.57 9.37 18.55
N VAL A 840 18.67 9.66 17.62
CA VAL A 840 17.88 10.90 17.60
C VAL A 840 16.52 10.59 16.97
N PRO A 841 15.40 11.03 17.59
CA PRO A 841 14.06 10.63 17.13
C PRO A 841 13.69 11.08 15.72
N PHE A 842 14.28 12.19 15.26
CA PHE A 842 14.14 12.62 13.86
C PHE A 842 15.20 13.65 13.48
N VAL A 843 15.32 13.94 12.18
CA VAL A 843 16.28 14.94 11.73
C VAL A 843 15.74 16.35 11.90
N LEU A 844 16.30 17.06 12.88
CA LEU A 844 16.06 18.49 13.08
C LEU A 844 17.41 19.14 13.41
N THR A 845 18.31 19.10 12.45
CA THR A 845 19.68 19.54 12.67
C THR A 845 19.79 21.07 12.71
N PRO A 846 20.86 21.59 13.34
CA PRO A 846 21.18 23.01 13.38
C PRO A 846 20.96 23.79 12.07
N ASP A 847 21.38 23.25 10.93
CA ASP A 847 21.17 23.94 9.65
C ASP A 847 19.68 24.10 9.32
N PHE A 848 18.86 23.16 9.80
CA PHE A 848 17.41 23.30 9.70
C PHE A 848 16.98 24.39 10.66
N LEU A 849 17.50 24.34 11.89
CA LEU A 849 17.20 25.34 12.89
C LEU A 849 17.64 26.75 12.43
N PHE A 850 18.84 26.83 11.84
CA PHE A 850 19.38 28.11 11.35
C PHE A 850 18.40 28.84 10.45
N VAL A 851 17.86 28.13 9.45
CA VAL A 851 16.87 28.70 8.55
C VAL A 851 15.70 29.29 9.34
N MET A 852 15.31 28.58 10.40
CA MET A 852 14.23 29.04 11.27
C MET A 852 14.64 30.27 12.07
N GLY A 853 15.93 30.37 12.39
CA GLY A 853 16.50 31.58 13.02
C GLY A 853 16.74 31.44 14.51
N THR A 854 17.28 30.29 14.92
CA THR A 854 17.53 29.98 16.32
C THR A 854 18.93 29.40 16.46
N SER A 855 19.69 29.91 17.42
CA SER A 855 21.12 29.60 17.55
C SER A 855 21.44 28.95 18.89
N GLY A 856 21.56 27.62 18.90
CA GLY A 856 21.87 26.87 20.11
C GLY A 856 20.69 26.82 21.07
N LYS A 857 20.36 27.97 21.65
CA LYS A 857 19.22 28.10 22.56
C LYS A 857 18.55 29.47 22.40
N LYS A 858 17.51 29.50 21.57
CA LYS A 858 16.69 30.70 21.35
C LYS A 858 15.26 30.27 21.08
N THR A 859 14.37 31.23 20.84
CA THR A 859 12.99 30.92 20.43
C THR A 859 12.52 31.91 19.35
N SER A 860 12.91 31.62 18.11
CA SER A 860 12.57 32.47 16.98
C SER A 860 11.08 32.43 16.67
N PRO A 861 10.51 33.54 16.16
CA PRO A 861 9.14 33.61 15.66
C PRO A 861 8.71 32.43 14.77
N HIS A 862 9.63 31.93 13.93
CA HIS A 862 9.36 30.77 13.08
C HIS A 862 9.51 29.46 13.82
N PHE A 863 10.56 29.34 14.63
CA PHE A 863 10.81 28.12 15.43
C PHE A 863 9.67 27.77 16.38
N GLN A 864 8.96 28.79 16.86
CA GLN A 864 7.76 28.56 17.67
C GLN A 864 6.59 28.14 16.77
N LYS A 865 6.54 28.67 15.55
CA LYS A 865 5.53 28.26 14.57
C LYS A 865 5.74 26.81 14.13
N PHE A 866 7.00 26.43 13.90
CA PHE A 866 7.37 25.04 13.64
C PHE A 866 6.86 24.16 14.79
N GLN A 867 7.28 24.47 16.01
CA GLN A 867 6.79 23.76 17.20
C GLN A 867 5.27 23.70 17.26
N ASP A 868 4.63 24.83 16.94
CA ASP A 868 3.17 24.94 16.95
C ASP A 868 2.57 23.97 15.94
N ILE A 869 3.08 23.99 14.71
CA ILE A 869 2.58 23.11 13.66
C ILE A 869 2.77 21.64 14.00
N CYS A 870 3.99 21.26 14.40
CA CYS A 870 4.31 19.91 14.84
C CYS A 870 3.30 19.36 15.85
N VAL A 871 3.04 20.13 16.91
CA VAL A 871 2.09 19.74 17.95
C VAL A 871 0.67 19.61 17.40
N LYS A 872 0.27 20.52 16.51
CA LYS A 872 -1.06 20.48 15.91
C LYS A 872 -1.20 19.23 15.06
N ALA A 873 -0.17 18.96 14.26
CA ALA A 873 -0.14 17.81 13.37
C ALA A 873 -0.07 16.49 14.15
N TYR A 874 0.68 16.50 15.25
CA TYR A 874 0.91 15.31 16.06
C TYR A 874 -0.33 14.85 16.80
N LEU A 875 -1.05 15.79 17.42
CA LEU A 875 -2.33 15.49 18.05
C LEU A 875 -3.41 15.19 16.99
N ALA A 876 -3.23 15.74 15.79
CA ALA A 876 -4.10 15.47 14.65
C ALA A 876 -4.03 14.00 14.21
N LEU A 877 -2.81 13.46 14.18
CA LEU A 877 -2.63 12.05 13.87
C LEU A 877 -3.28 11.19 14.96
N ARG A 878 -3.12 11.62 16.22
CA ARG A 878 -3.62 10.84 17.36
C ARG A 878 -5.15 10.70 17.38
N HIS A 879 -5.85 11.61 16.72
CA HIS A 879 -7.30 11.45 16.51
C HIS A 879 -7.63 10.35 15.53
N HIS A 880 -6.60 9.67 15.02
CA HIS A 880 -6.79 8.49 14.17
C HIS A 880 -5.83 7.38 14.55
N THR A 881 -5.50 7.30 15.85
CA THR A 881 -4.60 6.27 16.37
C THR A 881 -4.89 4.89 15.80
N ASN A 882 -6.11 4.42 16.01
CA ASN A 882 -6.52 3.13 15.50
C ASN A 882 -6.21 2.91 14.02
N LEU A 883 -6.59 3.86 13.16
CA LEU A 883 -6.26 3.80 11.71
C LEU A 883 -4.75 3.62 11.50
N LEU A 884 -3.94 4.44 12.17
CA LEU A 884 -2.49 4.39 11.98
C LEU A 884 -1.90 3.08 12.53
N ILE A 885 -2.30 2.68 13.72
CA ILE A 885 -1.88 1.41 14.29
C ILE A 885 -2.09 0.24 13.30
N ILE A 886 -3.27 0.16 12.70
CA ILE A 886 -3.62 -0.93 11.81
C ILE A 886 -2.89 -0.89 10.49
N LEU A 887 -2.78 0.31 9.94
CA LEU A 887 -2.02 0.53 8.73
C LEU A 887 -0.55 0.18 8.95
N PHE A 888 -0.01 0.59 10.09
CA PHE A 888 1.39 0.34 10.42
C PHE A 888 1.67 -1.14 10.67
N SER A 889 0.72 -1.82 11.33
CA SER A 889 0.85 -3.24 11.60
C SER A 889 0.87 -3.97 10.30
N MET A 890 -0.05 -3.59 9.42
CA MET A 890 -0.19 -4.26 8.13
C MET A 890 1.04 -3.97 7.27
N MET A 891 1.52 -2.73 7.36
CA MET A 891 2.71 -2.35 6.63
C MET A 891 3.79 -3.37 6.94
N LEU A 892 4.11 -3.51 8.23
CA LEU A 892 5.19 -4.41 8.64
C LEU A 892 4.95 -5.83 8.18
N MET A 893 3.73 -6.33 8.35
CA MET A 893 3.43 -7.75 8.05
C MET A 893 3.46 -8.12 6.57
N THR A 894 3.07 -7.20 5.69
CA THR A 894 2.87 -7.52 4.28
C THR A 894 3.95 -7.02 3.35
N GLY A 895 4.83 -6.15 3.84
CA GLY A 895 5.83 -5.53 2.97
C GLY A 895 7.25 -5.45 3.49
N MET A 896 7.45 -5.78 4.77
CA MET A 896 8.74 -5.61 5.41
C MET A 896 9.07 -6.84 6.25
N PRO A 897 9.44 -7.95 5.58
CA PRO A 897 9.73 -9.26 6.21
C PRO A 897 10.63 -9.23 7.45
N GLN A 898 11.57 -8.29 7.51
CA GLN A 898 12.51 -8.21 8.64
C GLN A 898 11.88 -7.73 9.95
N LEU A 899 11.12 -6.63 9.88
CA LEU A 899 10.63 -5.94 11.09
C LEU A 899 9.20 -6.37 11.48
N THR A 900 9.01 -7.64 11.81
CA THR A 900 7.68 -8.20 12.08
C THR A 900 7.56 -9.01 13.38
N SER A 901 7.62 -8.34 14.52
CA SER A 901 7.33 -8.94 15.83
C SER A 901 6.43 -8.00 16.61
N LYS A 902 5.88 -8.49 17.73
CA LYS A 902 5.06 -7.67 18.62
C LYS A 902 5.77 -6.37 19.00
N GLU A 903 7.04 -6.51 19.36
CA GLU A 903 7.85 -5.37 19.80
C GLU A 903 8.04 -4.36 18.65
N ASP A 904 8.26 -4.86 17.45
CA ASP A 904 8.41 -3.97 16.30
C ASP A 904 7.12 -3.21 16.06
N ILE A 905 6.00 -3.93 16.08
CA ILE A 905 4.70 -3.35 15.80
C ILE A 905 4.25 -2.38 16.91
N GLU A 906 4.49 -2.74 18.16
CA GLU A 906 4.05 -1.91 19.28
C GLU A 906 4.78 -0.57 19.38
N TYR A 907 5.79 -0.32 18.53
CA TYR A 907 6.46 0.97 18.52
C TYR A 907 5.47 2.13 18.34
N ILE A 908 4.55 1.97 17.39
CA ILE A 908 3.62 3.03 17.00
C ILE A 908 2.60 3.33 18.09
N ARG A 909 2.38 2.38 19.01
CA ARG A 909 1.63 2.69 20.25
C ARG A 909 2.40 3.75 21.03
N ASP A 910 3.65 3.42 21.35
CA ASP A 910 4.53 4.31 22.10
C ASP A 910 4.62 5.63 21.36
N ALA A 911 5.01 5.57 20.10
CA ALA A 911 5.16 6.77 19.27
C ALA A 911 3.92 7.67 19.29
N LEU A 912 2.73 7.07 19.31
CA LEU A 912 1.49 7.84 19.36
C LEU A 912 1.03 8.08 20.79
N THR A 913 1.82 7.61 21.76
CA THR A 913 1.50 7.73 23.19
C THR A 913 0.03 7.43 23.47
N VAL A 914 -0.34 6.18 23.24
CA VAL A 914 -1.68 5.70 23.54
C VAL A 914 -1.89 5.88 25.04
N GLY A 915 -3.13 6.13 25.43
CA GLY A 915 -3.46 6.31 26.84
C GLY A 915 -3.26 7.72 27.35
N LYS A 916 -2.16 8.36 26.95
CA LYS A 916 -1.81 9.69 27.43
C LYS A 916 -2.78 10.75 26.89
N ASN A 917 -3.05 11.76 27.71
CA ASN A 917 -3.92 12.88 27.34
C ASN A 917 -3.25 13.86 26.39
N GLU A 918 -4.05 14.62 25.65
CA GLU A 918 -3.53 15.57 24.65
C GLU A 918 -2.43 16.46 25.19
N GLU A 919 -2.57 16.87 26.44
CA GLU A 919 -1.66 17.84 27.03
C GLU A 919 -0.31 17.18 27.22
N ASP A 920 -0.30 16.01 27.85
CA ASP A 920 0.93 15.23 28.08
C ASP A 920 1.62 14.85 26.77
N ALA A 921 0.81 14.60 25.73
CA ALA A 921 1.32 14.25 24.39
C ALA A 921 2.13 15.39 23.77
N LYS A 922 1.62 16.62 23.90
CA LYS A 922 2.36 17.82 23.48
C LYS A 922 3.66 17.96 24.27
N LYS A 923 3.60 17.69 25.58
CA LYS A 923 4.79 17.71 26.42
C LYS A 923 5.76 16.62 25.98
N TYR A 924 5.22 15.51 25.47
CA TYR A 924 6.02 14.41 24.94
C TYR A 924 6.72 14.78 23.63
N PHE A 925 5.98 15.37 22.70
CA PHE A 925 6.57 15.67 21.40
C PHE A 925 7.61 16.78 21.49
N LEU A 926 7.29 17.85 22.21
CA LEU A 926 8.18 19.00 22.34
C LEU A 926 9.51 18.60 22.98
N ASP A 927 9.45 17.68 23.94
CA ASP A 927 10.67 17.08 24.50
C ASP A 927 11.49 16.41 23.40
N GLN A 928 10.83 15.65 22.52
CA GLN A 928 11.54 14.97 21.43
C GLN A 928 12.29 15.99 20.58
N ILE A 929 11.62 17.08 20.20
CA ILE A 929 12.29 18.20 19.54
C ILE A 929 13.59 18.55 20.28
N GLU A 930 13.51 18.65 21.60
CA GLU A 930 14.66 19.00 22.43
C GLU A 930 15.78 17.96 22.40
N VAL A 931 15.42 16.67 22.33
CA VAL A 931 16.44 15.61 22.26
C VAL A 931 17.32 15.81 21.01
N CYS A 932 16.70 16.22 19.91
CA CYS A 932 17.42 16.55 18.68
C CYS A 932 18.30 17.76 18.88
N ARG A 933 17.74 18.81 19.47
CA ARG A 933 18.47 20.04 19.77
C ARG A 933 19.71 19.70 20.59
N ASP A 934 19.50 18.87 21.60
CA ASP A 934 20.57 18.43 22.52
C ASP A 934 21.78 17.78 21.82
N LYS A 935 21.58 17.20 20.64
CA LYS A 935 22.59 16.36 19.97
C LYS A 935 23.17 16.94 18.67
N GLY A 936 22.62 18.06 18.21
CA GLY A 936 23.09 18.72 16.98
C GLY A 936 23.60 17.81 15.88
N TRP A 937 24.92 17.70 15.77
CA TRP A 937 25.55 17.08 14.62
C TRP A 937 26.11 15.70 14.86
N THR A 938 25.90 15.17 16.07
CA THR A 938 26.49 13.88 16.47
C THR A 938 26.23 12.73 15.49
N VAL A 939 24.99 12.24 15.46
CA VAL A 939 24.62 11.09 14.64
C VAL A 939 25.01 11.31 13.17
N GLN A 940 24.84 12.54 12.68
CA GLN A 940 25.20 12.85 11.30
C GLN A 940 26.68 12.51 11.05
N PHE A 941 27.55 13.04 11.91
CA PHE A 941 29.00 12.79 11.83
C PHE A 941 29.36 11.32 12.06
N ASN A 942 28.80 10.72 13.11
CA ASN A 942 29.05 9.31 13.47
C ASN A 942 28.94 8.31 12.32
N TRP A 943 28.18 8.69 11.29
CA TRP A 943 28.00 7.88 10.08
C TRP A 943 29.28 7.58 9.34
N PHE A 944 30.13 8.59 9.17
CA PHE A 944 31.35 8.43 8.36
C PHE A 944 32.25 7.28 8.85
N LEU A 945 32.14 6.98 10.14
CA LEU A 945 32.83 5.82 10.73
C LEU A 945 32.08 4.52 10.44
S SO4 B . -17.29 23.34 1.25
O1 SO4 B . -16.85 22.50 0.12
O2 SO4 B . -16.14 24.12 1.79
O3 SO4 B . -18.33 24.27 0.77
O4 SO4 B . -17.84 22.49 2.33
S SO4 C . -22.69 -19.07 25.80
O1 SO4 C . -22.41 -20.28 26.63
O2 SO4 C . -22.10 -19.30 24.46
O3 SO4 C . -24.15 -18.86 25.71
O4 SO4 C . -22.07 -17.90 26.46
S SO4 D . -2.45 6.21 -5.38
O1 SO4 D . -2.66 4.86 -4.82
O2 SO4 D . -2.71 6.22 -6.84
O3 SO4 D . -3.38 7.18 -4.75
O4 SO4 D . -1.05 6.62 -5.10
C20 5MT E . 24.26 16.18 -7.50
S1 5MT E . 23.50 15.04 -6.36
O1 5MT E . 24.24 13.72 -6.39
O2 5MT E . 23.51 15.60 -4.98
C18 5MT E . 21.83 14.81 -6.89
C19 5MT E . 21.35 13.52 -7.11
C17 5MT E . 21.02 15.91 -7.10
C16 5MT E . 19.71 15.74 -7.54
C15 5MT E . 19.22 14.46 -7.75
C14 5MT E . 20.04 13.34 -7.54
N5 5MT E . 19.59 12.11 -7.74
C9 5MT E . 19.90 11.38 -8.79
C10 5MT E . 20.70 11.61 -9.91
C11 5MT E . 20.84 10.62 -10.87
F1 5MT E . 21.62 10.82 -11.96
C12 5MT E . 20.18 9.40 -10.73
C13 5MT E . 19.39 9.18 -9.60
C8 5MT E . 19.25 10.16 -8.63
N6 5MT E . 18.56 10.21 -7.49
C7 5MT E . 18.76 11.41 -6.95
C6 5MT E . 18.17 11.87 -5.61
C21 5MT E . 19.07 11.28 -4.53
N4 5MT E . 16.77 11.41 -5.39
C2 5MT E . 15.70 11.95 -6.00
N2 5MT E . 15.88 12.95 -6.86
C1 5MT E . 14.85 13.52 -7.49
N1 5MT E . 13.59 13.13 -7.32
C4 5MT E . 13.35 12.11 -6.48
N3 5MT E . 12.09 11.71 -6.32
C3 5MT E . 14.39 11.50 -5.80
C5 5MT E . 14.07 10.42 -4.91
N7 5MT E . 13.83 9.56 -4.21
#